data_1DF4
# 
_entry.id   1DF4 
# 
_audit_conform.dict_name       mmcif_pdbx.dic 
_audit_conform.dict_version    5.385 
_audit_conform.dict_location   http://mmcif.pdb.org/dictionaries/ascii/mmcif_pdbx.dic 
# 
loop_
_database_2.database_id 
_database_2.database_code 
_database_2.pdbx_database_accession 
_database_2.pdbx_DOI 
PDB   1DF4         pdb_00001df4 10.2210/pdb1df4/pdb 
RCSB  RCSB010031   ?            ?                   
WWPDB D_1000010031 ?            ?                   
# 
loop_
_pdbx_audit_revision_history.ordinal 
_pdbx_audit_revision_history.data_content_type 
_pdbx_audit_revision_history.major_revision 
_pdbx_audit_revision_history.minor_revision 
_pdbx_audit_revision_history.revision_date 
1 'Structure model' 1 0 1999-11-24 
2 'Structure model' 1 1 2008-04-27 
3 'Structure model' 1 2 2011-07-13 
4 'Structure model' 1 3 2017-08-09 
5 'Structure model' 1 4 2024-02-07 
# 
_pdbx_audit_revision_details.ordinal             1 
_pdbx_audit_revision_details.revision_ordinal    1 
_pdbx_audit_revision_details.data_content_type   'Structure model' 
_pdbx_audit_revision_details.provider            repository 
_pdbx_audit_revision_details.type                'Initial release' 
_pdbx_audit_revision_details.description         ? 
_pdbx_audit_revision_details.details             ? 
# 
loop_
_pdbx_audit_revision_group.ordinal 
_pdbx_audit_revision_group.revision_ordinal 
_pdbx_audit_revision_group.data_content_type 
_pdbx_audit_revision_group.group 
1 2 'Structure model' 'Version format compliance' 
2 3 'Structure model' 'Derived calculations'      
3 3 'Structure model' 'Version format compliance' 
4 4 'Structure model' 'Refinement description'    
5 4 'Structure model' 'Source and taxonomy'       
6 5 'Structure model' 'Data collection'           
7 5 'Structure model' 'Database references'       
# 
loop_
_pdbx_audit_revision_category.ordinal 
_pdbx_audit_revision_category.revision_ordinal 
_pdbx_audit_revision_category.data_content_type 
_pdbx_audit_revision_category.category 
1 4 'Structure model' entity_src_gen 
2 4 'Structure model' software       
3 5 'Structure model' chem_comp_atom 
4 5 'Structure model' chem_comp_bond 
5 5 'Structure model' database_2     
# 
loop_
_pdbx_audit_revision_item.ordinal 
_pdbx_audit_revision_item.revision_ordinal 
_pdbx_audit_revision_item.data_content_type 
_pdbx_audit_revision_item.item 
1 5 'Structure model' '_database_2.pdbx_DOI'                
2 5 'Structure model' '_database_2.pdbx_database_accession' 
# 
_pdbx_database_status.status_code                     REL 
_pdbx_database_status.entry_id                        1DF4 
_pdbx_database_status.recvd_initial_deposition_date   1999-11-17 
_pdbx_database_status.deposit_site                    RCSB 
_pdbx_database_status.process_site                    RCSB 
_pdbx_database_status.SG_entry                        . 
_pdbx_database_status.pdb_format_compatible           Y 
_pdbx_database_status.status_code_mr                  ? 
_pdbx_database_status.status_code_sf                  ? 
_pdbx_database_status.status_code_cs                  ? 
_pdbx_database_status.methods_development_category    ? 
_pdbx_database_status.status_code_nmr_data            ? 
# 
_pdbx_database_related.db_name        PDB 
_pdbx_database_related.db_id          1DF5 
_pdbx_database_related.details        . 
_pdbx_database_related.content_type   unspecified 
# 
loop_
_audit_author.name 
_audit_author.pdbx_ordinal 
'Shu, W.' 1 
'Ji, H.'  2 
'Lu, M.'  3 
# 
_citation.id                        primary 
_citation.title                     
'Interactions between HIV-1 gp41 core and detergents and their implications for membrane fusion.' 
_citation.journal_abbrev            J.Biol.Chem. 
_citation.journal_volume            275 
_citation.page_first                1839 
_citation.page_last                 1845 
_citation.year                      2000 
_citation.journal_id_ASTM           JBCHA3 
_citation.country                   US 
_citation.journal_id_ISSN           0021-9258 
_citation.journal_id_CSD            0071 
_citation.book_publisher            ? 
_citation.pdbx_database_id_PubMed   10636883 
_citation.pdbx_database_id_DOI      10.1074/jbc.275.3.1839 
# 
loop_
_citation_author.citation_id 
_citation_author.name 
_citation_author.ordinal 
_citation_author.identifier_ORCID 
primary 'Shu, W.' 1 ? 
primary 'Ji, H.'  2 ? 
primary 'Lu, M.'  3 ? 
# 
loop_
_entity.id 
_entity.type 
_entity.src_method 
_entity.pdbx_description 
_entity.formula_weight 
_entity.pdbx_number_of_molecules 
_entity.pdbx_ec 
_entity.pdbx_mutation 
_entity.pdbx_fragment 
_entity.details 
1 polymer man 'HIV-1 ENVELOPE GLYCOPROTEIN GP41' 7879.753 1  ? ? 
'RESIDUES 1 - 34 AND 41 - 68 CONNECTED BY A SIX-RESIDUE LINKER (SER-GLY-GLY-ARG- GLY-GLY)' ? 
2 water   nat water                              18.015   77 ? ? ? ? 
# 
_entity_poly.entity_id                      1 
_entity_poly.type                           'polypeptide(L)' 
_entity_poly.nstd_linkage                   no 
_entity_poly.nstd_monomer                   no 
_entity_poly.pdbx_seq_one_letter_code       SGIVQQQNNLLRAIEAQQHLLQLTVWGIKQLQARSGGRGGWMEWDREINNYTSLIHSLIEESQNQQEK 
_entity_poly.pdbx_seq_one_letter_code_can   SGIVQQQNNLLRAIEAQQHLLQLTVWGIKQLQARSGGRGGWMEWDREINNYTSLIHSLIEESQNQQEK 
_entity_poly.pdbx_strand_id                 A 
_entity_poly.pdbx_target_identifier         ? 
# 
_pdbx_entity_nonpoly.entity_id   2 
_pdbx_entity_nonpoly.name        water 
_pdbx_entity_nonpoly.comp_id     HOH 
# 
loop_
_entity_poly_seq.entity_id 
_entity_poly_seq.num 
_entity_poly_seq.mon_id 
_entity_poly_seq.hetero 
1 1  SER n 
1 2  GLY n 
1 3  ILE n 
1 4  VAL n 
1 5  GLN n 
1 6  GLN n 
1 7  GLN n 
1 8  ASN n 
1 9  ASN n 
1 10 LEU n 
1 11 LEU n 
1 12 ARG n 
1 13 ALA n 
1 14 ILE n 
1 15 GLU n 
1 16 ALA n 
1 17 GLN n 
1 18 GLN n 
1 19 HIS n 
1 20 LEU n 
1 21 LEU n 
1 22 GLN n 
1 23 LEU n 
1 24 THR n 
1 25 VAL n 
1 26 TRP n 
1 27 GLY n 
1 28 ILE n 
1 29 LYS n 
1 30 GLN n 
1 31 LEU n 
1 32 GLN n 
1 33 ALA n 
1 34 ARG n 
1 35 SER n 
1 36 GLY n 
1 37 GLY n 
1 38 ARG n 
1 39 GLY n 
1 40 GLY n 
1 41 TRP n 
1 42 MET n 
1 43 GLU n 
1 44 TRP n 
1 45 ASP n 
1 46 ARG n 
1 47 GLU n 
1 48 ILE n 
1 49 ASN n 
1 50 ASN n 
1 51 TYR n 
1 52 THR n 
1 53 SER n 
1 54 LEU n 
1 55 ILE n 
1 56 HIS n 
1 57 SER n 
1 58 LEU n 
1 59 ILE n 
1 60 GLU n 
1 61 GLU n 
1 62 SER n 
1 63 GLN n 
1 64 ASN n 
1 65 GLN n 
1 66 GLN n 
1 67 GLU n 
1 68 LYS n 
# 
loop_
_entity_src_gen.entity_id 
_entity_src_gen.pdbx_src_id 
_entity_src_gen.pdbx_alt_source_flag 
_entity_src_gen.pdbx_seq_type 
_entity_src_gen.pdbx_beg_seq_num 
_entity_src_gen.pdbx_end_seq_num 
_entity_src_gen.gene_src_common_name 
_entity_src_gen.gene_src_genus 
_entity_src_gen.pdbx_gene_src_gene 
_entity_src_gen.gene_src_species 
_entity_src_gen.gene_src_strain 
_entity_src_gen.gene_src_tissue 
_entity_src_gen.gene_src_tissue_fraction 
_entity_src_gen.gene_src_details 
_entity_src_gen.pdbx_gene_src_fragment 
_entity_src_gen.pdbx_gene_src_scientific_name 
_entity_src_gen.pdbx_gene_src_ncbi_taxonomy_id 
_entity_src_gen.pdbx_gene_src_variant 
_entity_src_gen.pdbx_gene_src_cell_line 
_entity_src_gen.pdbx_gene_src_atcc 
_entity_src_gen.pdbx_gene_src_organ 
_entity_src_gen.pdbx_gene_src_organelle 
_entity_src_gen.pdbx_gene_src_cell 
_entity_src_gen.pdbx_gene_src_cellular_location 
_entity_src_gen.host_org_common_name 
_entity_src_gen.pdbx_host_org_scientific_name 
_entity_src_gen.pdbx_host_org_ncbi_taxonomy_id 
_entity_src_gen.host_org_genus 
_entity_src_gen.pdbx_host_org_gene 
_entity_src_gen.pdbx_host_org_organ 
_entity_src_gen.host_org_species 
_entity_src_gen.pdbx_host_org_tissue 
_entity_src_gen.pdbx_host_org_tissue_fraction 
_entity_src_gen.pdbx_host_org_strain 
_entity_src_gen.pdbx_host_org_variant 
_entity_src_gen.pdbx_host_org_cell_line 
_entity_src_gen.pdbx_host_org_atcc 
_entity_src_gen.pdbx_host_org_culture_collection 
_entity_src_gen.pdbx_host_org_cell 
_entity_src_gen.pdbx_host_org_organelle 
_entity_src_gen.pdbx_host_org_cellular_location 
_entity_src_gen.pdbx_host_org_vector_type 
_entity_src_gen.pdbx_host_org_vector 
_entity_src_gen.host_org_details 
_entity_src_gen.expression_system_id 
_entity_src_gen.plasmid_name 
_entity_src_gen.plasmid_details 
_entity_src_gen.pdbx_description 
1 1 sample ? 1  34 ? Lentivirus ? ? ? ? ? ? ? 'Human immunodeficiency virus 1' 11676 ? ? ? ? ? ? ? ? 'Escherichia coli' 562 
Escherichia ? ? ? ? ? ? ? ? ? ? ? ? ? ? ? ? ? ? ? 'RECOMBINANT GP41 WITH LINKER (SER-GLY-GLY- ARG-GLY-GLY) BETWEEN TWO FRAGMENTS' 
1 2 sample ? 41 68 ? Lentivirus ? ? ? ? ? ? ? 'Human immunodeficiency virus 1' 11676 ? ? ? ? ? ? ? ? 'Escherichia coli' 562 
Escherichia ? ? ? ? ? ? ? ? ? ? ? ? ? ? ? ? ? ? ? 'RECOMBINANT GP41 WITH LINKER (SER-GLY-GLY- ARG-GLY-GLY) BETWEEN TWO FRAGMENTS' 
# 
loop_
_chem_comp.id 
_chem_comp.type 
_chem_comp.mon_nstd_flag 
_chem_comp.name 
_chem_comp.pdbx_synonyms 
_chem_comp.formula 
_chem_comp.formula_weight 
ALA 'L-peptide linking' y ALANINE         ? 'C3 H7 N O2'     89.093  
ARG 'L-peptide linking' y ARGININE        ? 'C6 H15 N4 O2 1' 175.209 
ASN 'L-peptide linking' y ASPARAGINE      ? 'C4 H8 N2 O3'    132.118 
ASP 'L-peptide linking' y 'ASPARTIC ACID' ? 'C4 H7 N O4'     133.103 
GLN 'L-peptide linking' y GLUTAMINE       ? 'C5 H10 N2 O3'   146.144 
GLU 'L-peptide linking' y 'GLUTAMIC ACID' ? 'C5 H9 N O4'     147.129 
GLY 'peptide linking'   y GLYCINE         ? 'C2 H5 N O2'     75.067  
HIS 'L-peptide linking' y HISTIDINE       ? 'C6 H10 N3 O2 1' 156.162 
HOH non-polymer         . WATER           ? 'H2 O'           18.015  
ILE 'L-peptide linking' y ISOLEUCINE      ? 'C6 H13 N O2'    131.173 
LEU 'L-peptide linking' y LEUCINE         ? 'C6 H13 N O2'    131.173 
LYS 'L-peptide linking' y LYSINE          ? 'C6 H15 N2 O2 1' 147.195 
MET 'L-peptide linking' y METHIONINE      ? 'C5 H11 N O2 S'  149.211 
SER 'L-peptide linking' y SERINE          ? 'C3 H7 N O3'     105.093 
THR 'L-peptide linking' y THREONINE       ? 'C4 H9 N O3'     119.119 
TRP 'L-peptide linking' y TRYPTOPHAN      ? 'C11 H12 N2 O2'  204.225 
TYR 'L-peptide linking' y TYROSINE        ? 'C9 H11 N O3'    181.189 
VAL 'L-peptide linking' y VALINE          ? 'C5 H11 N O2'    117.146 
# 
loop_
_pdbx_poly_seq_scheme.asym_id 
_pdbx_poly_seq_scheme.entity_id 
_pdbx_poly_seq_scheme.seq_id 
_pdbx_poly_seq_scheme.mon_id 
_pdbx_poly_seq_scheme.ndb_seq_num 
_pdbx_poly_seq_scheme.pdb_seq_num 
_pdbx_poly_seq_scheme.auth_seq_num 
_pdbx_poly_seq_scheme.pdb_mon_id 
_pdbx_poly_seq_scheme.auth_mon_id 
_pdbx_poly_seq_scheme.pdb_strand_id 
_pdbx_poly_seq_scheme.pdb_ins_code 
_pdbx_poly_seq_scheme.hetero 
A 1 1  SER 1  1  ?  ?   ?   A . n 
A 1 2  GLY 2  2  ?  ?   ?   A . n 
A 1 3  ILE 3  3  3  ILE ILE A . n 
A 1 4  VAL 4  4  4  VAL VAL A . n 
A 1 5  GLN 5  5  5  GLN SER A . n 
A 1 6  GLN 6  6  6  GLN GLN A . n 
A 1 7  GLN 7  7  7  GLN GLN A . n 
A 1 8  ASN 8  8  8  ASN ASN A . n 
A 1 9  ASN 9  9  9  ASN ASN A . n 
A 1 10 LEU 10 10 10 LEU LEU A . n 
A 1 11 LEU 11 11 11 LEU LEU A . n 
A 1 12 ARG 12 12 12 ARG ARG A . n 
A 1 13 ALA 13 13 13 ALA ALA A . n 
A 1 14 ILE 14 14 14 ILE ILE A . n 
A 1 15 GLU 15 15 15 GLU GLU A . n 
A 1 16 ALA 16 16 16 ALA ALA A . n 
A 1 17 GLN 17 17 17 GLN GLN A . n 
A 1 18 GLN 18 18 18 GLN GLN A . n 
A 1 19 HIS 19 19 19 HIS HIS A . n 
A 1 20 LEU 20 20 20 LEU LEU A . n 
A 1 21 LEU 21 21 21 LEU LEU A . n 
A 1 22 GLN 22 22 22 GLN GLN A . n 
A 1 23 LEU 23 23 23 LEU LEU A . n 
A 1 24 THR 24 24 24 THR THR A . n 
A 1 25 VAL 25 25 25 VAL VAL A . n 
A 1 26 TRP 26 26 26 TRP TRP A . n 
A 1 27 GLY 27 27 27 GLY GLY A . n 
A 1 28 ILE 28 28 28 ILE ILE A . n 
A 1 29 LYS 29 29 29 LYS LYS A . n 
A 1 30 GLN 30 30 30 GLN GLN A . n 
A 1 31 LEU 31 31 31 LEU LEU A . n 
A 1 32 GLN 32 32 32 GLN GLN A . n 
A 1 33 ALA 33 33 33 ALA ALA A . n 
A 1 34 ARG 34 34 ?  ?   ?   A . n 
A 1 35 SER 35 35 ?  ?   ?   A . n 
A 1 36 GLY 36 36 ?  ?   ?   A . n 
A 1 37 GLY 37 37 ?  ?   ?   A . n 
A 1 38 ARG 38 38 ?  ?   ?   A . n 
A 1 39 GLY 39 39 39 GLY GLY A . n 
A 1 40 GLY 40 40 40 GLY GLY A . n 
A 1 41 TRP 41 41 41 TRP TRP A . n 
A 1 42 MET 42 42 42 MET ALA A . n 
A 1 43 GLU 43 43 43 GLU GLU A . n 
A 1 44 TRP 44 44 44 TRP TRP A . n 
A 1 45 ASP 45 45 45 ASP ASP A . n 
A 1 46 ARG 46 46 46 ARG ARG A . n 
A 1 47 GLU 47 47 47 GLU GLU A . n 
A 1 48 ILE 48 48 48 ILE ILE A . n 
A 1 49 ASN 49 49 49 ASN ASN A . n 
A 1 50 ASN 50 50 50 ASN ASN A . n 
A 1 51 TYR 51 51 51 TYR TYR A . n 
A 1 52 THR 52 52 52 THR THR A . n 
A 1 53 SER 53 53 53 SER SER A . n 
A 1 54 LEU 54 54 54 LEU LEU A . n 
A 1 55 ILE 55 55 55 ILE ILE A . n 
A 1 56 HIS 56 56 56 HIS HIS A . n 
A 1 57 SER 57 57 57 SER SER A . n 
A 1 58 LEU 58 58 58 LEU LEU A . n 
A 1 59 ILE 59 59 59 ILE ILE A . n 
A 1 60 GLU 60 60 60 GLU SER A . n 
A 1 61 GLU 61 61 61 GLU GLU A . n 
A 1 62 SER 62 62 62 SER SER A . n 
A 1 63 GLN 63 63 63 GLN GLN A . n 
A 1 64 ASN 64 64 64 ASN ASN A . n 
A 1 65 GLN 65 65 ?  ?   ?   A . n 
A 1 66 GLN 66 66 ?  ?   ?   A . n 
A 1 67 GLU 67 67 ?  ?   ?   A . n 
A 1 68 LYS 68 68 ?  ?   ?   A . n 
# 
loop_
_pdbx_nonpoly_scheme.asym_id 
_pdbx_nonpoly_scheme.entity_id 
_pdbx_nonpoly_scheme.mon_id 
_pdbx_nonpoly_scheme.ndb_seq_num 
_pdbx_nonpoly_scheme.pdb_seq_num 
_pdbx_nonpoly_scheme.auth_seq_num 
_pdbx_nonpoly_scheme.pdb_mon_id 
_pdbx_nonpoly_scheme.auth_mon_id 
_pdbx_nonpoly_scheme.pdb_strand_id 
_pdbx_nonpoly_scheme.pdb_ins_code 
B 2 HOH 1  69  2  HOH HOH A . 
B 2 HOH 2  70  3  HOH HOH A . 
B 2 HOH 3  71  4  HOH HOH A . 
B 2 HOH 4  72  5  HOH HOH A . 
B 2 HOH 5  73  6  HOH HOH A . 
B 2 HOH 6  74  7  HOH HOH A . 
B 2 HOH 7  75  8  HOH HOH A . 
B 2 HOH 8  76  9  HOH HOH A . 
B 2 HOH 9  77  10 HOH HOH A . 
B 2 HOH 10 78  11 HOH HOH A . 
B 2 HOH 11 79  12 HOH HOH A . 
B 2 HOH 12 80  13 HOH HOH A . 
B 2 HOH 13 81  14 HOH HOH A . 
B 2 HOH 14 82  15 HOH HOH A . 
B 2 HOH 15 83  16 HOH HOH A . 
B 2 HOH 16 84  17 HOH HOH A . 
B 2 HOH 17 85  18 HOH HOH A . 
B 2 HOH 18 86  19 HOH HOH A . 
B 2 HOH 19 87  20 HOH HOH A . 
B 2 HOH 20 88  21 HOH HOH A . 
B 2 HOH 21 89  22 HOH HOH A . 
B 2 HOH 22 90  23 HOH HOH A . 
B 2 HOH 23 91  24 HOH HOH A . 
B 2 HOH 24 92  25 HOH HOH A . 
B 2 HOH 25 93  26 HOH HOH A . 
B 2 HOH 26 94  27 HOH HOH A . 
B 2 HOH 27 95  28 HOH HOH A . 
B 2 HOH 28 96  29 HOH HOH A . 
B 2 HOH 29 97  30 HOH HOH A . 
B 2 HOH 30 98  31 HOH HOH A . 
B 2 HOH 31 99  32 HOH HOH A . 
B 2 HOH 32 100 33 HOH HOH A . 
B 2 HOH 33 101 34 HOH HOH A . 
B 2 HOH 34 102 35 HOH HOH A . 
B 2 HOH 35 103 36 HOH HOH A . 
B 2 HOH 36 104 37 HOH HOH A . 
B 2 HOH 37 105 38 HOH HOH A . 
B 2 HOH 38 106 39 HOH HOH A . 
B 2 HOH 39 107 40 HOH HOH A . 
B 2 HOH 40 108 41 HOH HOH A . 
B 2 HOH 41 109 42 HOH HOH A . 
B 2 HOH 42 110 43 HOH HOH A . 
B 2 HOH 43 111 44 HOH HOH A . 
B 2 HOH 44 112 45 HOH HOH A . 
B 2 HOH 45 113 46 HOH HOH A . 
B 2 HOH 46 114 47 HOH HOH A . 
B 2 HOH 47 115 48 HOH HOH A . 
B 2 HOH 48 116 49 HOH HOH A . 
B 2 HOH 49 117 50 HOH HOH A . 
B 2 HOH 50 118 51 HOH HOH A . 
B 2 HOH 51 119 52 HOH HOH A . 
B 2 HOH 52 120 53 HOH HOH A . 
B 2 HOH 53 121 54 HOH HOH A . 
B 2 HOH 54 122 55 HOH HOH A . 
B 2 HOH 55 123 56 HOH HOH A . 
B 2 HOH 56 124 57 HOH HOH A . 
B 2 HOH 57 125 58 HOH HOH A . 
B 2 HOH 58 126 59 HOH HOH A . 
B 2 HOH 59 127 60 HOH HOH A . 
B 2 HOH 60 128 61 HOH HOH A . 
B 2 HOH 61 129 62 HOH HOH A . 
B 2 HOH 62 130 63 HOH HOH A . 
B 2 HOH 63 131 64 HOH HOH A . 
B 2 HOH 64 132 65 HOH HOH A . 
B 2 HOH 65 133 66 HOH HOH A . 
B 2 HOH 66 134 70 HOH HOH A . 
B 2 HOH 67 135 71 HOH HOH A . 
B 2 HOH 68 136 72 HOH HOH A . 
B 2 HOH 69 137 73 HOH HOH A . 
B 2 HOH 70 138 74 HOH HOH A . 
B 2 HOH 71 139 75 HOH HOH A . 
B 2 HOH 72 140 76 HOH HOH A . 
B 2 HOH 73 141 77 HOH HOH A . 
B 2 HOH 74 142 78 HOH HOH A . 
B 2 HOH 75 143 79 HOH HOH A . 
B 2 HOH 76 144 82 HOH HOH A . 
B 2 HOH 77 145 83 HOH HOH A . 
# 
loop_
_pdbx_unobs_or_zero_occ_atoms.id 
_pdbx_unobs_or_zero_occ_atoms.PDB_model_num 
_pdbx_unobs_or_zero_occ_atoms.polymer_flag 
_pdbx_unobs_or_zero_occ_atoms.occupancy_flag 
_pdbx_unobs_or_zero_occ_atoms.auth_asym_id 
_pdbx_unobs_or_zero_occ_atoms.auth_comp_id 
_pdbx_unobs_or_zero_occ_atoms.auth_seq_id 
_pdbx_unobs_or_zero_occ_atoms.PDB_ins_code 
_pdbx_unobs_or_zero_occ_atoms.auth_atom_id 
_pdbx_unobs_or_zero_occ_atoms.label_alt_id 
_pdbx_unobs_or_zero_occ_atoms.label_asym_id 
_pdbx_unobs_or_zero_occ_atoms.label_comp_id 
_pdbx_unobs_or_zero_occ_atoms.label_seq_id 
_pdbx_unobs_or_zero_occ_atoms.label_atom_id 
1 1 Y 1 A GLN 5  ? CD  ? A GLN 5  CD  
2 1 Y 1 A GLN 5  ? OE1 ? A GLN 5  OE1 
3 1 Y 1 A GLN 5  ? NE2 ? A GLN 5  NE2 
4 1 Y 1 A MET 42 ? CG  ? A MET 42 CG  
5 1 Y 1 A MET 42 ? SD  ? A MET 42 SD  
6 1 Y 1 A MET 42 ? CE  ? A MET 42 CE  
7 1 Y 1 A GLU 60 ? CD  ? A GLU 60 CD  
8 1 Y 1 A GLU 60 ? OE1 ? A GLU 60 OE1 
9 1 Y 1 A GLU 60 ? OE2 ? A GLU 60 OE2 
# 
loop_
_software.name 
_software.classification 
_software.version 
_software.citation_id 
_software.pdbx_ordinal 
AMoRE     phasing          . ? 1 
REFMAC    refinement       . ? 2 
DENZO     'data reduction' . ? 3 
SCALEPACK 'data scaling'   . ? 4 
# 
_cell.entry_id           1DF4 
_cell.length_a           52.383 
_cell.length_b           52.383 
_cell.length_c           60.982 
_cell.angle_alpha        90.00 
_cell.angle_beta         90.00 
_cell.angle_gamma        120.00 
_cell.Z_PDB              9 
_cell.pdbx_unique_axis   ? 
# 
_symmetry.entry_id                         1DF4 
_symmetry.space_group_name_H-M             'H 3' 
_symmetry.pdbx_full_space_group_name_H-M   ? 
_symmetry.cell_setting                     ? 
_symmetry.Int_Tables_number                146 
# 
_exptl.entry_id          1DF4 
_exptl.method            'X-RAY DIFFRACTION' 
_exptl.crystals_number   1 
# 
_exptl_crystal.id                    1 
_exptl_crystal.density_meas          ? 
_exptl_crystal.density_Matthews      2.04 
_exptl_crystal.density_percent_sol   39.81 
_exptl_crystal.description           ? 
# 
_exptl_crystal_grow.crystal_id      1 
_exptl_crystal_grow.method          'VAPOR DIFFUSION, HANGING DROP' 
_exptl_crystal_grow.temp            293 
_exptl_crystal_grow.temp_details    ? 
_exptl_crystal_grow.pH              5.6 
_exptl_crystal_grow.pdbx_details    
'SODIUM CITRATE, AMMONIUM DIHYDROGEN PHOSPHATE, BETA-OG, pH 5.6, VAPOR DIFFUSION, HANGING DROP, temperature 293K' 
_exptl_crystal_grow.pdbx_pH_range   ? 
# 
_diffrn.id                     1 
_diffrn.ambient_temp           130.0 
_diffrn.ambient_temp_details   ? 
_diffrn.crystal_id             1 
# 
_diffrn_detector.diffrn_id              1 
_diffrn_detector.detector               'IMAGE PLATE' 
_diffrn_detector.type                   MARRESEARCH 
_diffrn_detector.pdbx_collection_date   1998-04-01 
_diffrn_detector.details                ? 
# 
_diffrn_radiation.diffrn_id                        1 
_diffrn_radiation.wavelength_id                    1 
_diffrn_radiation.pdbx_monochromatic_or_laue_m_l   M 
_diffrn_radiation.monochromator                    ? 
_diffrn_radiation.pdbx_diffrn_protocol             'SINGLE WAVELENGTH' 
_diffrn_radiation.pdbx_scattering_type             x-ray 
# 
_diffrn_radiation_wavelength.id           1 
_diffrn_radiation_wavelength.wavelength   0.71069 
_diffrn_radiation_wavelength.wt           1.0 
# 
_diffrn_source.diffrn_id                   1 
_diffrn_source.source                      SYNCHROTRON 
_diffrn_source.type                        'NSLS BEAMLINE X12B' 
_diffrn_source.pdbx_synchrotron_site       NSLS 
_diffrn_source.pdbx_synchrotron_beamline   X12B 
_diffrn_source.pdbx_wavelength             0.71069 
_diffrn_source.pdbx_wavelength_list        ? 
# 
_reflns.entry_id                     1DF4 
_reflns.observed_criterion_sigma_I   0 
_reflns.observed_criterion_sigma_F   0 
_reflns.d_resolution_low             16.5 
_reflns.d_resolution_high            1.45 
_reflns.number_obs                   11818 
_reflns.number_all                   11818 
_reflns.percent_possible_obs         99.0 
_reflns.pdbx_Rmerge_I_obs            0.0280000 
_reflns.pdbx_Rsym_value              ? 
_reflns.pdbx_netI_over_sigmaI        22.5 
_reflns.B_iso_Wilson_estimate        17.9 
_reflns.pdbx_redundancy              3.6 
_reflns.R_free_details               ? 
_reflns.limit_h_max                  ? 
_reflns.limit_h_min                  ? 
_reflns.limit_k_max                  ? 
_reflns.limit_k_min                  ? 
_reflns.limit_l_max                  ? 
_reflns.limit_l_min                  ? 
_reflns.observed_criterion_F_max     ? 
_reflns.observed_criterion_F_min     ? 
_reflns.pdbx_ordinal                 1 
_reflns.pdbx_diffrn_id               1 
# 
_reflns_shell.d_res_high             1.45 
_reflns_shell.d_res_low              1.51 
_reflns_shell.percent_possible_all   96.9 
_reflns_shell.Rmerge_I_obs           0.1250000 
_reflns_shell.pdbx_Rsym_value        ? 
_reflns_shell.meanI_over_sigI_obs    ? 
_reflns_shell.pdbx_redundancy        2.9 
_reflns_shell.percent_possible_obs   ? 
_reflns_shell.number_unique_all      ? 
_reflns_shell.pdbx_ordinal           1 
_reflns_shell.pdbx_diffrn_id         1 
# 
_refine.entry_id                                 1DF4 
_refine.ls_number_reflns_obs                     11818 
_refine.ls_number_reflns_all                     11818 
_refine.pdbx_ls_sigma_I                          0 
_refine.pdbx_ls_sigma_F                          0 
_refine.pdbx_data_cutoff_high_absF               ? 
_refine.pdbx_data_cutoff_low_absF                ? 
_refine.pdbx_data_cutoff_high_rms_absF           ? 
_refine.ls_d_res_low                             16.5 
_refine.ls_d_res_high                            1.45 
_refine.ls_percent_reflns_obs                    99.0 
_refine.ls_R_factor_obs                          ? 
_refine.ls_R_factor_all                          ? 
_refine.ls_R_factor_R_work                       0.2000000 
_refine.ls_R_factor_R_free                       0.2450000 
_refine.ls_R_factor_R_free_error                 ? 
_refine.ls_R_factor_R_free_error_details         ? 
_refine.ls_percent_reflns_R_free                 ? 
_refine.ls_number_reflns_R_free                  950 
_refine.ls_number_parameters                     ? 
_refine.ls_number_restraints                     ? 
_refine.occupancy_min                            ? 
_refine.occupancy_max                            ? 
_refine.B_iso_mean                               ? 
_refine.aniso_B[1][1]                            ? 
_refine.aniso_B[2][2]                            ? 
_refine.aniso_B[3][3]                            ? 
_refine.aniso_B[1][2]                            ? 
_refine.aniso_B[1][3]                            ? 
_refine.aniso_B[2][3]                            ? 
_refine.solvent_model_details                    ? 
_refine.solvent_model_param_ksol                 ? 
_refine.solvent_model_param_bsol                 ? 
_refine.pdbx_ls_cross_valid_method               ? 
_refine.details                                  ? 
_refine.pdbx_starting_model                      ? 
_refine.pdbx_method_to_determine_struct          ? 
_refine.pdbx_isotropic_thermal_model             ? 
_refine.pdbx_stereochemistry_target_values       'ENGH & HUBER' 
_refine.pdbx_stereochem_target_val_spec_case     ? 
_refine.pdbx_R_Free_selection_details            RANDOM 
_refine.pdbx_overall_ESU_R                       ? 
_refine.pdbx_overall_ESU_R_Free                  ? 
_refine.overall_SU_ML                            ? 
_refine.overall_SU_B                             ? 
_refine.ls_redundancy_reflns_obs                 ? 
_refine.B_iso_min                                ? 
_refine.B_iso_max                                ? 
_refine.pdbx_refine_id                           'X-RAY DIFFRACTION' 
_refine.pdbx_diffrn_id                           1 
_refine.pdbx_TLS_residual_ADP_flag               ? 
_refine.correlation_coeff_Fo_to_Fc               ? 
_refine.correlation_coeff_Fo_to_Fc_free          ? 
_refine.pdbx_solvent_vdw_probe_radii             ? 
_refine.pdbx_solvent_ion_probe_radii             ? 
_refine.pdbx_solvent_shrinkage_radii             ? 
_refine.pdbx_overall_phase_error                 ? 
_refine.overall_SU_R_Cruickshank_DPI             ? 
_refine.pdbx_overall_SU_R_free_Cruickshank_DPI   ? 
_refine.pdbx_overall_SU_R_Blow_DPI               ? 
_refine.pdbx_overall_SU_R_free_Blow_DPI          ? 
# 
_refine_hist.pdbx_refine_id                   'X-RAY DIFFRACTION' 
_refine_hist.cycle_id                         LAST 
_refine_hist.pdbx_number_atoms_protein        463 
_refine_hist.pdbx_number_atoms_nucleic_acid   0 
_refine_hist.pdbx_number_atoms_ligand         0 
_refine_hist.number_atoms_solvent             77 
_refine_hist.number_atoms_total               540 
_refine_hist.d_res_high                       1.45 
_refine_hist.d_res_low                        16.5 
# 
loop_
_refine_ls_restr.type 
_refine_ls_restr.dev_ideal 
_refine_ls_restr.dev_ideal_target 
_refine_ls_restr.weight 
_refine_ls_restr.number 
_refine_ls_restr.pdbx_refine_id 
_refine_ls_restr.pdbx_restraint_function 
p_bond_d            0.017 ? ? ? 'X-RAY DIFFRACTION' ? 
p_angle_d           2.0   ? ? ? 'X-RAY DIFFRACTION' ? 
p_angle_deg         ?     ? ? ? 'X-RAY DIFFRACTION' ? 
p_planar_d          ?     ? ? ? 'X-RAY DIFFRACTION' ? 
p_hb_or_metal_coord ?     ? ? ? 'X-RAY DIFFRACTION' ? 
p_mcbond_it         ?     ? ? ? 'X-RAY DIFFRACTION' ? 
p_mcangle_it        ?     ? ? ? 'X-RAY DIFFRACTION' ? 
p_scbond_it         ?     ? ? ? 'X-RAY DIFFRACTION' ? 
p_scangle_it        ?     ? ? ? 'X-RAY DIFFRACTION' ? 
p_plane_restr       ?     ? ? ? 'X-RAY DIFFRACTION' ? 
p_chiral_restr      ?     ? ? ? 'X-RAY DIFFRACTION' ? 
p_singtor_nbd       ?     ? ? ? 'X-RAY DIFFRACTION' ? 
p_multtor_nbd       ?     ? ? ? 'X-RAY DIFFRACTION' ? 
p_xhyhbond_nbd      ?     ? ? ? 'X-RAY DIFFRACTION' ? 
p_xyhbond_nbd       ?     ? ? ? 'X-RAY DIFFRACTION' ? 
p_planar_tor        ?     ? ? ? 'X-RAY DIFFRACTION' ? 
p_staggered_tor     ?     ? ? ? 'X-RAY DIFFRACTION' ? 
p_orthonormal_tor   ?     ? ? ? 'X-RAY DIFFRACTION' ? 
p_transverse_tor    ?     ? ? ? 'X-RAY DIFFRACTION' ? 
p_special_tor       ?     ? ? ? 'X-RAY DIFFRACTION' ? 
# 
_struct.entry_id                  1DF4 
_struct.title                     'INTERACTIONS BETWEEN HIV-1 GP41 CORE AND DETERGENTS AND THEIR IMPLICATIONS FOR MEMBRANE FUSION' 
_struct.pdbx_model_details        ? 
_struct.pdbx_CASP_flag            ? 
_struct.pdbx_model_type_details   ? 
# 
_struct_keywords.entry_id        1DF4 
_struct_keywords.pdbx_keywords   'VIRAL PROTEIN' 
_struct_keywords.text            'HIV-1, GP41, MEMBRANE FUSION, PROTEIN-DETERGENT INTERACTION, Viral protein' 
# 
loop_
_struct_asym.id 
_struct_asym.pdbx_blank_PDB_chainid_flag 
_struct_asym.pdbx_modified 
_struct_asym.entity_id 
_struct_asym.details 
A N N 1 ? 
B N N 2 ? 
# 
_struct_ref.id                         1 
_struct_ref.db_name                    UNP 
_struct_ref.db_code                    ENV_HV1H2 
_struct_ref.entity_id                  1 
_struct_ref.pdbx_db_accession          P04578 
_struct_ref.pdbx_align_begin           ? 
_struct_ref.pdbx_seq_one_letter_code   ? 
_struct_ref.pdbx_db_isoform            ? 
# 
loop_
_struct_ref_seq.align_id 
_struct_ref_seq.ref_id 
_struct_ref_seq.pdbx_PDB_id_code 
_struct_ref_seq.pdbx_strand_id 
_struct_ref_seq.seq_align_beg 
_struct_ref_seq.pdbx_seq_align_beg_ins_code 
_struct_ref_seq.seq_align_end 
_struct_ref_seq.pdbx_seq_align_end_ins_code 
_struct_ref_seq.pdbx_db_accession 
_struct_ref_seq.db_align_beg 
_struct_ref_seq.pdbx_db_align_beg_ins_code 
_struct_ref_seq.db_align_end 
_struct_ref_seq.pdbx_db_align_end_ins_code 
_struct_ref_seq.pdbx_auth_seq_align_beg 
_struct_ref_seq.pdbx_auth_seq_align_end 
1 1 1DF4 A 1  ? 34 ? P04578 546 ? 579 ? 1  34 
2 1 1DF4 A 41 ? 68 ? P04578 628 ? 655 ? 41 68 
# 
loop_
_struct_ref_seq_dif.align_id 
_struct_ref_seq_dif.pdbx_pdb_id_code 
_struct_ref_seq_dif.mon_id 
_struct_ref_seq_dif.pdbx_pdb_strand_id 
_struct_ref_seq_dif.seq_num 
_struct_ref_seq_dif.pdbx_pdb_ins_code 
_struct_ref_seq_dif.pdbx_seq_db_name 
_struct_ref_seq_dif.pdbx_seq_db_accession_code 
_struct_ref_seq_dif.db_mon_id 
_struct_ref_seq_dif.pdbx_seq_db_seq_num 
_struct_ref_seq_dif.details 
_struct_ref_seq_dif.pdbx_auth_seq_num 
_struct_ref_seq_dif.pdbx_ordinal 
1 1DF4 SER A 35 ? UNP P04578 ? ? 'SEE REMARK 999' 35 1 
1 1DF4 GLY A 36 ? UNP P04578 ? ? 'SEE REMARK 999' 36 2 
1 1DF4 GLY A 37 ? UNP P04578 ? ? 'SEE REMARK 999' 37 3 
1 1DF4 ARG A 38 ? UNP P04578 ? ? 'SEE REMARK 999' 38 4 
1 1DF4 GLY A 39 ? UNP P04578 ? ? 'SEE REMARK 999' 39 5 
1 1DF4 GLY A 40 ? UNP P04578 ? ? 'SEE REMARK 999' 40 6 
# 
_pdbx_struct_assembly.id                   1 
_pdbx_struct_assembly.details              author_and_software_defined_assembly 
_pdbx_struct_assembly.method_details       PISA,PQS 
_pdbx_struct_assembly.oligomeric_details   trimeric 
_pdbx_struct_assembly.oligomeric_count     3 
# 
loop_
_pdbx_struct_assembly_prop.biol_id 
_pdbx_struct_assembly_prop.type 
_pdbx_struct_assembly_prop.value 
_pdbx_struct_assembly_prop.details 
1 'ABSA (A^2)' 5990 ? 
1 MORE         -61  ? 
1 'SSA (A^2)'  8690 ? 
# 
_pdbx_struct_assembly_gen.assembly_id       1 
_pdbx_struct_assembly_gen.oper_expression   1,2,3 
_pdbx_struct_assembly_gen.asym_id_list      A,B 
# 
loop_
_pdbx_struct_oper_list.id 
_pdbx_struct_oper_list.type 
_pdbx_struct_oper_list.name 
_pdbx_struct_oper_list.symmetry_operation 
_pdbx_struct_oper_list.matrix[1][1] 
_pdbx_struct_oper_list.matrix[1][2] 
_pdbx_struct_oper_list.matrix[1][3] 
_pdbx_struct_oper_list.vector[1] 
_pdbx_struct_oper_list.matrix[2][1] 
_pdbx_struct_oper_list.matrix[2][2] 
_pdbx_struct_oper_list.matrix[2][3] 
_pdbx_struct_oper_list.vector[2] 
_pdbx_struct_oper_list.matrix[3][1] 
_pdbx_struct_oper_list.matrix[3][2] 
_pdbx_struct_oper_list.matrix[3][3] 
_pdbx_struct_oper_list.vector[3] 
1 'identity operation'         1_555 x,y,z     1.0000000000  0.0000000000  0.0000000000  0.0000000000  0.0000000000  1.0000000000  0.0000000000  0.0000000000  0.0000000000  0.0000000000  1.0000000000 0.0000000000  
2 'crystal symmetry operation' 2_555 -y,x-y,z  -0.1215540513 0.1257895970  0.9845819366  10.4889619995 -0.9925163141 -0.0037500041 -0.1220545116 6.3011015333  -0.0116610015 -0.9920498550 0.1253040554 -2.5466378769 
3 'crystal symmetry operation' 3_555 -x+y,-x,z -0.1215540513 -0.9925163141 -0.0116610015 7.4992255447  0.1257895970  -0.0037500041 -0.9920498550 -3.8221648831 0.9845819366  -0.1220545116 0.1253040554 -9.2390605947 
# 
_struct_biol.id   1 
# 
loop_
_struct_conf.conf_type_id 
_struct_conf.id 
_struct_conf.pdbx_PDB_helix_id 
_struct_conf.beg_label_comp_id 
_struct_conf.beg_label_asym_id 
_struct_conf.beg_label_seq_id 
_struct_conf.pdbx_beg_PDB_ins_code 
_struct_conf.end_label_comp_id 
_struct_conf.end_label_asym_id 
_struct_conf.end_label_seq_id 
_struct_conf.pdbx_end_PDB_ins_code 
_struct_conf.beg_auth_comp_id 
_struct_conf.beg_auth_asym_id 
_struct_conf.beg_auth_seq_id 
_struct_conf.end_auth_comp_id 
_struct_conf.end_auth_asym_id 
_struct_conf.end_auth_seq_id 
_struct_conf.pdbx_PDB_helix_class 
_struct_conf.details 
_struct_conf.pdbx_PDB_helix_length 
HELX_P HELX_P1 1 ILE A 3  ? ALA A 33 ? ILE A 3  ALA A 33 1 ? 31 
HELX_P HELX_P2 2 TRP A 41 ? ASN A 64 ? TRP A 41 ASN A 64 1 ? 24 
# 
_struct_conf_type.id          HELX_P 
_struct_conf_type.criteria    ? 
_struct_conf_type.reference   ? 
# 
_pdbx_validate_rmsd_angle.id                         1 
_pdbx_validate_rmsd_angle.PDB_model_num              1 
_pdbx_validate_rmsd_angle.auth_atom_id_1             OG1 
_pdbx_validate_rmsd_angle.auth_asym_id_1             A 
_pdbx_validate_rmsd_angle.auth_comp_id_1             THR 
_pdbx_validate_rmsd_angle.auth_seq_id_1              24 
_pdbx_validate_rmsd_angle.PDB_ins_code_1             ? 
_pdbx_validate_rmsd_angle.label_alt_id_1             ? 
_pdbx_validate_rmsd_angle.auth_atom_id_2             CB 
_pdbx_validate_rmsd_angle.auth_asym_id_2             A 
_pdbx_validate_rmsd_angle.auth_comp_id_2             THR 
_pdbx_validate_rmsd_angle.auth_seq_id_2              24 
_pdbx_validate_rmsd_angle.PDB_ins_code_2             ? 
_pdbx_validate_rmsd_angle.label_alt_id_2             ? 
_pdbx_validate_rmsd_angle.auth_atom_id_3             CG2 
_pdbx_validate_rmsd_angle.auth_asym_id_3             A 
_pdbx_validate_rmsd_angle.auth_comp_id_3             THR 
_pdbx_validate_rmsd_angle.auth_seq_id_3              24 
_pdbx_validate_rmsd_angle.PDB_ins_code_3             ? 
_pdbx_validate_rmsd_angle.label_alt_id_3             ? 
_pdbx_validate_rmsd_angle.angle_value                124.91 
_pdbx_validate_rmsd_angle.angle_target_value         110.00 
_pdbx_validate_rmsd_angle.angle_deviation            14.91 
_pdbx_validate_rmsd_angle.angle_standard_deviation   2.30 
_pdbx_validate_rmsd_angle.linker_flag                N 
# 
_pdbx_validate_chiral.id              1 
_pdbx_validate_chiral.PDB_model_num   1 
_pdbx_validate_chiral.auth_atom_id    CB 
_pdbx_validate_chiral.label_alt_id    ? 
_pdbx_validate_chiral.auth_asym_id    A 
_pdbx_validate_chiral.auth_comp_id    THR 
_pdbx_validate_chiral.auth_seq_id     24 
_pdbx_validate_chiral.PDB_ins_code    ? 
_pdbx_validate_chiral.details         PLANAR 
_pdbx_validate_chiral.omega           . 
# 
_pdbx_entry_details.entry_id                 1DF4 
_pdbx_entry_details.compound_details         
;IN THE STRUCTURE, SEQUENCE 1 - 34 IS FROM GP41 RESIDUES
546 - 579 (IN GP160 NUMBERING SYSTEM), 35 - 40 IS AN
ARTIFICIAL LINKER SGGRGG AND 41 - 68 IS GP41 RESIDUES
628 - 655.
;
_pdbx_entry_details.source_details           ? 
_pdbx_entry_details.nonpolymer_details       ? 
_pdbx_entry_details.sequence_details         ? 
_pdbx_entry_details.has_ligand_of_interest   ? 
# 
loop_
_pdbx_unobs_or_zero_occ_residues.id 
_pdbx_unobs_or_zero_occ_residues.PDB_model_num 
_pdbx_unobs_or_zero_occ_residues.polymer_flag 
_pdbx_unobs_or_zero_occ_residues.occupancy_flag 
_pdbx_unobs_or_zero_occ_residues.auth_asym_id 
_pdbx_unobs_or_zero_occ_residues.auth_comp_id 
_pdbx_unobs_or_zero_occ_residues.auth_seq_id 
_pdbx_unobs_or_zero_occ_residues.PDB_ins_code 
_pdbx_unobs_or_zero_occ_residues.label_asym_id 
_pdbx_unobs_or_zero_occ_residues.label_comp_id 
_pdbx_unobs_or_zero_occ_residues.label_seq_id 
1  1 Y 1 A SER 1  ? A SER 1  
2  1 Y 1 A GLY 2  ? A GLY 2  
3  1 Y 1 A ARG 34 ? A ARG 34 
4  1 Y 1 A SER 35 ? A SER 35 
5  1 Y 1 A GLY 36 ? A GLY 36 
6  1 Y 1 A GLY 37 ? A GLY 37 
7  1 Y 1 A ARG 38 ? A ARG 38 
8  1 Y 1 A GLN 65 ? A GLN 65 
9  1 Y 1 A GLN 66 ? A GLN 66 
10 1 Y 1 A GLU 67 ? A GLU 67 
11 1 Y 1 A LYS 68 ? A LYS 68 
# 
loop_
_chem_comp_atom.comp_id 
_chem_comp_atom.atom_id 
_chem_comp_atom.type_symbol 
_chem_comp_atom.pdbx_aromatic_flag 
_chem_comp_atom.pdbx_stereo_config 
_chem_comp_atom.pdbx_ordinal 
ALA N    N N N 1   
ALA CA   C N S 2   
ALA C    C N N 3   
ALA O    O N N 4   
ALA CB   C N N 5   
ALA OXT  O N N 6   
ALA H    H N N 7   
ALA H2   H N N 8   
ALA HA   H N N 9   
ALA HB1  H N N 10  
ALA HB2  H N N 11  
ALA HB3  H N N 12  
ALA HXT  H N N 13  
ARG N    N N N 14  
ARG CA   C N S 15  
ARG C    C N N 16  
ARG O    O N N 17  
ARG CB   C N N 18  
ARG CG   C N N 19  
ARG CD   C N N 20  
ARG NE   N N N 21  
ARG CZ   C N N 22  
ARG NH1  N N N 23  
ARG NH2  N N N 24  
ARG OXT  O N N 25  
ARG H    H N N 26  
ARG H2   H N N 27  
ARG HA   H N N 28  
ARG HB2  H N N 29  
ARG HB3  H N N 30  
ARG HG2  H N N 31  
ARG HG3  H N N 32  
ARG HD2  H N N 33  
ARG HD3  H N N 34  
ARG HE   H N N 35  
ARG HH11 H N N 36  
ARG HH12 H N N 37  
ARG HH21 H N N 38  
ARG HH22 H N N 39  
ARG HXT  H N N 40  
ASN N    N N N 41  
ASN CA   C N S 42  
ASN C    C N N 43  
ASN O    O N N 44  
ASN CB   C N N 45  
ASN CG   C N N 46  
ASN OD1  O N N 47  
ASN ND2  N N N 48  
ASN OXT  O N N 49  
ASN H    H N N 50  
ASN H2   H N N 51  
ASN HA   H N N 52  
ASN HB2  H N N 53  
ASN HB3  H N N 54  
ASN HD21 H N N 55  
ASN HD22 H N N 56  
ASN HXT  H N N 57  
ASP N    N N N 58  
ASP CA   C N S 59  
ASP C    C N N 60  
ASP O    O N N 61  
ASP CB   C N N 62  
ASP CG   C N N 63  
ASP OD1  O N N 64  
ASP OD2  O N N 65  
ASP OXT  O N N 66  
ASP H    H N N 67  
ASP H2   H N N 68  
ASP HA   H N N 69  
ASP HB2  H N N 70  
ASP HB3  H N N 71  
ASP HD2  H N N 72  
ASP HXT  H N N 73  
GLN N    N N N 74  
GLN CA   C N S 75  
GLN C    C N N 76  
GLN O    O N N 77  
GLN CB   C N N 78  
GLN CG   C N N 79  
GLN CD   C N N 80  
GLN OE1  O N N 81  
GLN NE2  N N N 82  
GLN OXT  O N N 83  
GLN H    H N N 84  
GLN H2   H N N 85  
GLN HA   H N N 86  
GLN HB2  H N N 87  
GLN HB3  H N N 88  
GLN HG2  H N N 89  
GLN HG3  H N N 90  
GLN HE21 H N N 91  
GLN HE22 H N N 92  
GLN HXT  H N N 93  
GLU N    N N N 94  
GLU CA   C N S 95  
GLU C    C N N 96  
GLU O    O N N 97  
GLU CB   C N N 98  
GLU CG   C N N 99  
GLU CD   C N N 100 
GLU OE1  O N N 101 
GLU OE2  O N N 102 
GLU OXT  O N N 103 
GLU H    H N N 104 
GLU H2   H N N 105 
GLU HA   H N N 106 
GLU HB2  H N N 107 
GLU HB3  H N N 108 
GLU HG2  H N N 109 
GLU HG3  H N N 110 
GLU HE2  H N N 111 
GLU HXT  H N N 112 
GLY N    N N N 113 
GLY CA   C N N 114 
GLY C    C N N 115 
GLY O    O N N 116 
GLY OXT  O N N 117 
GLY H    H N N 118 
GLY H2   H N N 119 
GLY HA2  H N N 120 
GLY HA3  H N N 121 
GLY HXT  H N N 122 
HIS N    N N N 123 
HIS CA   C N S 124 
HIS C    C N N 125 
HIS O    O N N 126 
HIS CB   C N N 127 
HIS CG   C Y N 128 
HIS ND1  N Y N 129 
HIS CD2  C Y N 130 
HIS CE1  C Y N 131 
HIS NE2  N Y N 132 
HIS OXT  O N N 133 
HIS H    H N N 134 
HIS H2   H N N 135 
HIS HA   H N N 136 
HIS HB2  H N N 137 
HIS HB3  H N N 138 
HIS HD1  H N N 139 
HIS HD2  H N N 140 
HIS HE1  H N N 141 
HIS HE2  H N N 142 
HIS HXT  H N N 143 
HOH O    O N N 144 
HOH H1   H N N 145 
HOH H2   H N N 146 
ILE N    N N N 147 
ILE CA   C N S 148 
ILE C    C N N 149 
ILE O    O N N 150 
ILE CB   C N S 151 
ILE CG1  C N N 152 
ILE CG2  C N N 153 
ILE CD1  C N N 154 
ILE OXT  O N N 155 
ILE H    H N N 156 
ILE H2   H N N 157 
ILE HA   H N N 158 
ILE HB   H N N 159 
ILE HG12 H N N 160 
ILE HG13 H N N 161 
ILE HG21 H N N 162 
ILE HG22 H N N 163 
ILE HG23 H N N 164 
ILE HD11 H N N 165 
ILE HD12 H N N 166 
ILE HD13 H N N 167 
ILE HXT  H N N 168 
LEU N    N N N 169 
LEU CA   C N S 170 
LEU C    C N N 171 
LEU O    O N N 172 
LEU CB   C N N 173 
LEU CG   C N N 174 
LEU CD1  C N N 175 
LEU CD2  C N N 176 
LEU OXT  O N N 177 
LEU H    H N N 178 
LEU H2   H N N 179 
LEU HA   H N N 180 
LEU HB2  H N N 181 
LEU HB3  H N N 182 
LEU HG   H N N 183 
LEU HD11 H N N 184 
LEU HD12 H N N 185 
LEU HD13 H N N 186 
LEU HD21 H N N 187 
LEU HD22 H N N 188 
LEU HD23 H N N 189 
LEU HXT  H N N 190 
LYS N    N N N 191 
LYS CA   C N S 192 
LYS C    C N N 193 
LYS O    O N N 194 
LYS CB   C N N 195 
LYS CG   C N N 196 
LYS CD   C N N 197 
LYS CE   C N N 198 
LYS NZ   N N N 199 
LYS OXT  O N N 200 
LYS H    H N N 201 
LYS H2   H N N 202 
LYS HA   H N N 203 
LYS HB2  H N N 204 
LYS HB3  H N N 205 
LYS HG2  H N N 206 
LYS HG3  H N N 207 
LYS HD2  H N N 208 
LYS HD3  H N N 209 
LYS HE2  H N N 210 
LYS HE3  H N N 211 
LYS HZ1  H N N 212 
LYS HZ2  H N N 213 
LYS HZ3  H N N 214 
LYS HXT  H N N 215 
MET N    N N N 216 
MET CA   C N S 217 
MET C    C N N 218 
MET O    O N N 219 
MET CB   C N N 220 
MET CG   C N N 221 
MET SD   S N N 222 
MET CE   C N N 223 
MET OXT  O N N 224 
MET H    H N N 225 
MET H2   H N N 226 
MET HA   H N N 227 
MET HB2  H N N 228 
MET HB3  H N N 229 
MET HG2  H N N 230 
MET HG3  H N N 231 
MET HE1  H N N 232 
MET HE2  H N N 233 
MET HE3  H N N 234 
MET HXT  H N N 235 
SER N    N N N 236 
SER CA   C N S 237 
SER C    C N N 238 
SER O    O N N 239 
SER CB   C N N 240 
SER OG   O N N 241 
SER OXT  O N N 242 
SER H    H N N 243 
SER H2   H N N 244 
SER HA   H N N 245 
SER HB2  H N N 246 
SER HB3  H N N 247 
SER HG   H N N 248 
SER HXT  H N N 249 
THR N    N N N 250 
THR CA   C N S 251 
THR C    C N N 252 
THR O    O N N 253 
THR CB   C N R 254 
THR OG1  O N N 255 
THR CG2  C N N 256 
THR OXT  O N N 257 
THR H    H N N 258 
THR H2   H N N 259 
THR HA   H N N 260 
THR HB   H N N 261 
THR HG1  H N N 262 
THR HG21 H N N 263 
THR HG22 H N N 264 
THR HG23 H N N 265 
THR HXT  H N N 266 
TRP N    N N N 267 
TRP CA   C N S 268 
TRP C    C N N 269 
TRP O    O N N 270 
TRP CB   C N N 271 
TRP CG   C Y N 272 
TRP CD1  C Y N 273 
TRP CD2  C Y N 274 
TRP NE1  N Y N 275 
TRP CE2  C Y N 276 
TRP CE3  C Y N 277 
TRP CZ2  C Y N 278 
TRP CZ3  C Y N 279 
TRP CH2  C Y N 280 
TRP OXT  O N N 281 
TRP H    H N N 282 
TRP H2   H N N 283 
TRP HA   H N N 284 
TRP HB2  H N N 285 
TRP HB3  H N N 286 
TRP HD1  H N N 287 
TRP HE1  H N N 288 
TRP HE3  H N N 289 
TRP HZ2  H N N 290 
TRP HZ3  H N N 291 
TRP HH2  H N N 292 
TRP HXT  H N N 293 
TYR N    N N N 294 
TYR CA   C N S 295 
TYR C    C N N 296 
TYR O    O N N 297 
TYR CB   C N N 298 
TYR CG   C Y N 299 
TYR CD1  C Y N 300 
TYR CD2  C Y N 301 
TYR CE1  C Y N 302 
TYR CE2  C Y N 303 
TYR CZ   C Y N 304 
TYR OH   O N N 305 
TYR OXT  O N N 306 
TYR H    H N N 307 
TYR H2   H N N 308 
TYR HA   H N N 309 
TYR HB2  H N N 310 
TYR HB3  H N N 311 
TYR HD1  H N N 312 
TYR HD2  H N N 313 
TYR HE1  H N N 314 
TYR HE2  H N N 315 
TYR HH   H N N 316 
TYR HXT  H N N 317 
VAL N    N N N 318 
VAL CA   C N S 319 
VAL C    C N N 320 
VAL O    O N N 321 
VAL CB   C N N 322 
VAL CG1  C N N 323 
VAL CG2  C N N 324 
VAL OXT  O N N 325 
VAL H    H N N 326 
VAL H2   H N N 327 
VAL HA   H N N 328 
VAL HB   H N N 329 
VAL HG11 H N N 330 
VAL HG12 H N N 331 
VAL HG13 H N N 332 
VAL HG21 H N N 333 
VAL HG22 H N N 334 
VAL HG23 H N N 335 
VAL HXT  H N N 336 
# 
loop_
_chem_comp_bond.comp_id 
_chem_comp_bond.atom_id_1 
_chem_comp_bond.atom_id_2 
_chem_comp_bond.value_order 
_chem_comp_bond.pdbx_aromatic_flag 
_chem_comp_bond.pdbx_stereo_config 
_chem_comp_bond.pdbx_ordinal 
ALA N   CA   sing N N 1   
ALA N   H    sing N N 2   
ALA N   H2   sing N N 3   
ALA CA  C    sing N N 4   
ALA CA  CB   sing N N 5   
ALA CA  HA   sing N N 6   
ALA C   O    doub N N 7   
ALA C   OXT  sing N N 8   
ALA CB  HB1  sing N N 9   
ALA CB  HB2  sing N N 10  
ALA CB  HB3  sing N N 11  
ALA OXT HXT  sing N N 12  
ARG N   CA   sing N N 13  
ARG N   H    sing N N 14  
ARG N   H2   sing N N 15  
ARG CA  C    sing N N 16  
ARG CA  CB   sing N N 17  
ARG CA  HA   sing N N 18  
ARG C   O    doub N N 19  
ARG C   OXT  sing N N 20  
ARG CB  CG   sing N N 21  
ARG CB  HB2  sing N N 22  
ARG CB  HB3  sing N N 23  
ARG CG  CD   sing N N 24  
ARG CG  HG2  sing N N 25  
ARG CG  HG3  sing N N 26  
ARG CD  NE   sing N N 27  
ARG CD  HD2  sing N N 28  
ARG CD  HD3  sing N N 29  
ARG NE  CZ   sing N N 30  
ARG NE  HE   sing N N 31  
ARG CZ  NH1  sing N N 32  
ARG CZ  NH2  doub N N 33  
ARG NH1 HH11 sing N N 34  
ARG NH1 HH12 sing N N 35  
ARG NH2 HH21 sing N N 36  
ARG NH2 HH22 sing N N 37  
ARG OXT HXT  sing N N 38  
ASN N   CA   sing N N 39  
ASN N   H    sing N N 40  
ASN N   H2   sing N N 41  
ASN CA  C    sing N N 42  
ASN CA  CB   sing N N 43  
ASN CA  HA   sing N N 44  
ASN C   O    doub N N 45  
ASN C   OXT  sing N N 46  
ASN CB  CG   sing N N 47  
ASN CB  HB2  sing N N 48  
ASN CB  HB3  sing N N 49  
ASN CG  OD1  doub N N 50  
ASN CG  ND2  sing N N 51  
ASN ND2 HD21 sing N N 52  
ASN ND2 HD22 sing N N 53  
ASN OXT HXT  sing N N 54  
ASP N   CA   sing N N 55  
ASP N   H    sing N N 56  
ASP N   H2   sing N N 57  
ASP CA  C    sing N N 58  
ASP CA  CB   sing N N 59  
ASP CA  HA   sing N N 60  
ASP C   O    doub N N 61  
ASP C   OXT  sing N N 62  
ASP CB  CG   sing N N 63  
ASP CB  HB2  sing N N 64  
ASP CB  HB3  sing N N 65  
ASP CG  OD1  doub N N 66  
ASP CG  OD2  sing N N 67  
ASP OD2 HD2  sing N N 68  
ASP OXT HXT  sing N N 69  
GLN N   CA   sing N N 70  
GLN N   H    sing N N 71  
GLN N   H2   sing N N 72  
GLN CA  C    sing N N 73  
GLN CA  CB   sing N N 74  
GLN CA  HA   sing N N 75  
GLN C   O    doub N N 76  
GLN C   OXT  sing N N 77  
GLN CB  CG   sing N N 78  
GLN CB  HB2  sing N N 79  
GLN CB  HB3  sing N N 80  
GLN CG  CD   sing N N 81  
GLN CG  HG2  sing N N 82  
GLN CG  HG3  sing N N 83  
GLN CD  OE1  doub N N 84  
GLN CD  NE2  sing N N 85  
GLN NE2 HE21 sing N N 86  
GLN NE2 HE22 sing N N 87  
GLN OXT HXT  sing N N 88  
GLU N   CA   sing N N 89  
GLU N   H    sing N N 90  
GLU N   H2   sing N N 91  
GLU CA  C    sing N N 92  
GLU CA  CB   sing N N 93  
GLU CA  HA   sing N N 94  
GLU C   O    doub N N 95  
GLU C   OXT  sing N N 96  
GLU CB  CG   sing N N 97  
GLU CB  HB2  sing N N 98  
GLU CB  HB3  sing N N 99  
GLU CG  CD   sing N N 100 
GLU CG  HG2  sing N N 101 
GLU CG  HG3  sing N N 102 
GLU CD  OE1  doub N N 103 
GLU CD  OE2  sing N N 104 
GLU OE2 HE2  sing N N 105 
GLU OXT HXT  sing N N 106 
GLY N   CA   sing N N 107 
GLY N   H    sing N N 108 
GLY N   H2   sing N N 109 
GLY CA  C    sing N N 110 
GLY CA  HA2  sing N N 111 
GLY CA  HA3  sing N N 112 
GLY C   O    doub N N 113 
GLY C   OXT  sing N N 114 
GLY OXT HXT  sing N N 115 
HIS N   CA   sing N N 116 
HIS N   H    sing N N 117 
HIS N   H2   sing N N 118 
HIS CA  C    sing N N 119 
HIS CA  CB   sing N N 120 
HIS CA  HA   sing N N 121 
HIS C   O    doub N N 122 
HIS C   OXT  sing N N 123 
HIS CB  CG   sing N N 124 
HIS CB  HB2  sing N N 125 
HIS CB  HB3  sing N N 126 
HIS CG  ND1  sing Y N 127 
HIS CG  CD2  doub Y N 128 
HIS ND1 CE1  doub Y N 129 
HIS ND1 HD1  sing N N 130 
HIS CD2 NE2  sing Y N 131 
HIS CD2 HD2  sing N N 132 
HIS CE1 NE2  sing Y N 133 
HIS CE1 HE1  sing N N 134 
HIS NE2 HE2  sing N N 135 
HIS OXT HXT  sing N N 136 
HOH O   H1   sing N N 137 
HOH O   H2   sing N N 138 
ILE N   CA   sing N N 139 
ILE N   H    sing N N 140 
ILE N   H2   sing N N 141 
ILE CA  C    sing N N 142 
ILE CA  CB   sing N N 143 
ILE CA  HA   sing N N 144 
ILE C   O    doub N N 145 
ILE C   OXT  sing N N 146 
ILE CB  CG1  sing N N 147 
ILE CB  CG2  sing N N 148 
ILE CB  HB   sing N N 149 
ILE CG1 CD1  sing N N 150 
ILE CG1 HG12 sing N N 151 
ILE CG1 HG13 sing N N 152 
ILE CG2 HG21 sing N N 153 
ILE CG2 HG22 sing N N 154 
ILE CG2 HG23 sing N N 155 
ILE CD1 HD11 sing N N 156 
ILE CD1 HD12 sing N N 157 
ILE CD1 HD13 sing N N 158 
ILE OXT HXT  sing N N 159 
LEU N   CA   sing N N 160 
LEU N   H    sing N N 161 
LEU N   H2   sing N N 162 
LEU CA  C    sing N N 163 
LEU CA  CB   sing N N 164 
LEU CA  HA   sing N N 165 
LEU C   O    doub N N 166 
LEU C   OXT  sing N N 167 
LEU CB  CG   sing N N 168 
LEU CB  HB2  sing N N 169 
LEU CB  HB3  sing N N 170 
LEU CG  CD1  sing N N 171 
LEU CG  CD2  sing N N 172 
LEU CG  HG   sing N N 173 
LEU CD1 HD11 sing N N 174 
LEU CD1 HD12 sing N N 175 
LEU CD1 HD13 sing N N 176 
LEU CD2 HD21 sing N N 177 
LEU CD2 HD22 sing N N 178 
LEU CD2 HD23 sing N N 179 
LEU OXT HXT  sing N N 180 
LYS N   CA   sing N N 181 
LYS N   H    sing N N 182 
LYS N   H2   sing N N 183 
LYS CA  C    sing N N 184 
LYS CA  CB   sing N N 185 
LYS CA  HA   sing N N 186 
LYS C   O    doub N N 187 
LYS C   OXT  sing N N 188 
LYS CB  CG   sing N N 189 
LYS CB  HB2  sing N N 190 
LYS CB  HB3  sing N N 191 
LYS CG  CD   sing N N 192 
LYS CG  HG2  sing N N 193 
LYS CG  HG3  sing N N 194 
LYS CD  CE   sing N N 195 
LYS CD  HD2  sing N N 196 
LYS CD  HD3  sing N N 197 
LYS CE  NZ   sing N N 198 
LYS CE  HE2  sing N N 199 
LYS CE  HE3  sing N N 200 
LYS NZ  HZ1  sing N N 201 
LYS NZ  HZ2  sing N N 202 
LYS NZ  HZ3  sing N N 203 
LYS OXT HXT  sing N N 204 
MET N   CA   sing N N 205 
MET N   H    sing N N 206 
MET N   H2   sing N N 207 
MET CA  C    sing N N 208 
MET CA  CB   sing N N 209 
MET CA  HA   sing N N 210 
MET C   O    doub N N 211 
MET C   OXT  sing N N 212 
MET CB  CG   sing N N 213 
MET CB  HB2  sing N N 214 
MET CB  HB3  sing N N 215 
MET CG  SD   sing N N 216 
MET CG  HG2  sing N N 217 
MET CG  HG3  sing N N 218 
MET SD  CE   sing N N 219 
MET CE  HE1  sing N N 220 
MET CE  HE2  sing N N 221 
MET CE  HE3  sing N N 222 
MET OXT HXT  sing N N 223 
SER N   CA   sing N N 224 
SER N   H    sing N N 225 
SER N   H2   sing N N 226 
SER CA  C    sing N N 227 
SER CA  CB   sing N N 228 
SER CA  HA   sing N N 229 
SER C   O    doub N N 230 
SER C   OXT  sing N N 231 
SER CB  OG   sing N N 232 
SER CB  HB2  sing N N 233 
SER CB  HB3  sing N N 234 
SER OG  HG   sing N N 235 
SER OXT HXT  sing N N 236 
THR N   CA   sing N N 237 
THR N   H    sing N N 238 
THR N   H2   sing N N 239 
THR CA  C    sing N N 240 
THR CA  CB   sing N N 241 
THR CA  HA   sing N N 242 
THR C   O    doub N N 243 
THR C   OXT  sing N N 244 
THR CB  OG1  sing N N 245 
THR CB  CG2  sing N N 246 
THR CB  HB   sing N N 247 
THR OG1 HG1  sing N N 248 
THR CG2 HG21 sing N N 249 
THR CG2 HG22 sing N N 250 
THR CG2 HG23 sing N N 251 
THR OXT HXT  sing N N 252 
TRP N   CA   sing N N 253 
TRP N   H    sing N N 254 
TRP N   H2   sing N N 255 
TRP CA  C    sing N N 256 
TRP CA  CB   sing N N 257 
TRP CA  HA   sing N N 258 
TRP C   O    doub N N 259 
TRP C   OXT  sing N N 260 
TRP CB  CG   sing N N 261 
TRP CB  HB2  sing N N 262 
TRP CB  HB3  sing N N 263 
TRP CG  CD1  doub Y N 264 
TRP CG  CD2  sing Y N 265 
TRP CD1 NE1  sing Y N 266 
TRP CD1 HD1  sing N N 267 
TRP CD2 CE2  doub Y N 268 
TRP CD2 CE3  sing Y N 269 
TRP NE1 CE2  sing Y N 270 
TRP NE1 HE1  sing N N 271 
TRP CE2 CZ2  sing Y N 272 
TRP CE3 CZ3  doub Y N 273 
TRP CE3 HE3  sing N N 274 
TRP CZ2 CH2  doub Y N 275 
TRP CZ2 HZ2  sing N N 276 
TRP CZ3 CH2  sing Y N 277 
TRP CZ3 HZ3  sing N N 278 
TRP CH2 HH2  sing N N 279 
TRP OXT HXT  sing N N 280 
TYR N   CA   sing N N 281 
TYR N   H    sing N N 282 
TYR N   H2   sing N N 283 
TYR CA  C    sing N N 284 
TYR CA  CB   sing N N 285 
TYR CA  HA   sing N N 286 
TYR C   O    doub N N 287 
TYR C   OXT  sing N N 288 
TYR CB  CG   sing N N 289 
TYR CB  HB2  sing N N 290 
TYR CB  HB3  sing N N 291 
TYR CG  CD1  doub Y N 292 
TYR CG  CD2  sing Y N 293 
TYR CD1 CE1  sing Y N 294 
TYR CD1 HD1  sing N N 295 
TYR CD2 CE2  doub Y N 296 
TYR CD2 HD2  sing N N 297 
TYR CE1 CZ   doub Y N 298 
TYR CE1 HE1  sing N N 299 
TYR CE2 CZ   sing Y N 300 
TYR CE2 HE2  sing N N 301 
TYR CZ  OH   sing N N 302 
TYR OH  HH   sing N N 303 
TYR OXT HXT  sing N N 304 
VAL N   CA   sing N N 305 
VAL N   H    sing N N 306 
VAL N   H2   sing N N 307 
VAL CA  C    sing N N 308 
VAL CA  CB   sing N N 309 
VAL CA  HA   sing N N 310 
VAL C   O    doub N N 311 
VAL C   OXT  sing N N 312 
VAL CB  CG1  sing N N 313 
VAL CB  CG2  sing N N 314 
VAL CB  HB   sing N N 315 
VAL CG1 HG11 sing N N 316 
VAL CG1 HG12 sing N N 317 
VAL CG1 HG13 sing N N 318 
VAL CG2 HG21 sing N N 319 
VAL CG2 HG22 sing N N 320 
VAL CG2 HG23 sing N N 321 
VAL OXT HXT  sing N N 322 
# 
_atom_sites.entry_id                    1DF4 
_atom_sites.fract_transf_matrix[1][1]   0.00045600 
_atom_sites.fract_transf_matrix[1][2]   -0.01627777 
_atom_sites.fract_transf_matrix[1][3]   -0.01485580 
_atom_sites.fract_transf_matrix[2][1]   -0.01627260 
_atom_sites.fract_transf_matrix[2][2]   -0.01485381 
_atom_sites.fract_transf_matrix[2][3]   -0.00057312 
_atom_sites.fract_transf_matrix[3][1]   -0.00823759 
_atom_sites.fract_transf_matrix[3][2]   0.00943297 
_atom_sites.fract_transf_matrix[3][3]   -0.01058873 
_atom_sites.fract_transf_vector[1]      -0.047646 
_atom_sites.fract_transf_vector[2]      0.107594 
_atom_sites.fract_transf_vector[3]      0.594161 
# 
loop_
_atom_type.symbol 
C 
N 
O 
# 
loop_
_atom_site.group_PDB 
_atom_site.id 
_atom_site.type_symbol 
_atom_site.label_atom_id 
_atom_site.label_alt_id 
_atom_site.label_comp_id 
_atom_site.label_asym_id 
_atom_site.label_entity_id 
_atom_site.label_seq_id 
_atom_site.pdbx_PDB_ins_code 
_atom_site.Cartn_x 
_atom_site.Cartn_y 
_atom_site.Cartn_z 
_atom_site.occupancy 
_atom_site.B_iso_or_equiv 
_atom_site.pdbx_formal_charge 
_atom_site.auth_seq_id 
_atom_site.auth_comp_id 
_atom_site.auth_asym_id 
_atom_site.auth_atom_id 
_atom_site.pdbx_PDB_model_num 
ATOM   1   N N   . ILE A 1 3  ? -6.269  9.888   -23.031 1.00 34.62 ? 3   ILE A N   1 
ATOM   2   C CA  . ILE A 1 3  ? -5.730  10.248  -21.690 1.00 34.96 ? 3   ILE A CA  1 
ATOM   3   C C   . ILE A 1 3  ? -6.461  9.528   -20.576 1.00 32.98 ? 3   ILE A C   1 
ATOM   4   O O   . ILE A 1 3  ? -5.838  9.081   -19.594 1.00 31.55 ? 3   ILE A O   1 
ATOM   5   C CB  . ILE A 1 3  ? -5.663  11.756  -21.468 1.00 38.15 ? 3   ILE A CB  1 
ATOM   6   C CG1 . ILE A 1 3  ? -6.883  12.478  -22.018 1.00 40.89 ? 3   ILE A CG1 1 
ATOM   7   C CG2 . ILE A 1 3  ? -4.384  12.313  -22.126 1.00 39.26 ? 3   ILE A CG2 1 
ATOM   8   C CD1 . ILE A 1 3  ? -6.865  13.984  -21.803 1.00 42.47 ? 3   ILE A CD1 1 
ATOM   9   N N   . VAL A 1 4  ? -7.725  9.207   -20.789 1.00 31.05 ? 4   VAL A N   1 
ATOM   10  C CA  . VAL A 1 4  ? -8.522  8.403   -19.880 1.00 30.23 ? 4   VAL A CA  1 
ATOM   11  C C   . VAL A 1 4  ? -7.968  6.990   -19.761 1.00 28.75 ? 4   VAL A C   1 
ATOM   12  O O   . VAL A 1 4  ? -7.788  6.478   -18.646 1.00 26.56 ? 4   VAL A O   1 
ATOM   13  C CB  . VAL A 1 4  ? -9.991  8.311   -20.366 1.00 30.42 ? 4   VAL A CB  1 
ATOM   14  C CG1 . VAL A 1 4  ? -10.817 7.439   -19.448 1.00 29.75 ? 4   VAL A CG1 1 
ATOM   15  C CG2 . VAL A 1 4  ? -10.584 9.713   -20.458 1.00 33.46 ? 4   VAL A CG2 1 
ATOM   16  N N   . GLN A 1 5  ? -7.641  6.379   -20.883 1.00 28.10 ? 5   GLN A N   1 
ATOM   17  C CA  . GLN A 1 5  ? -7.045  5.049   -20.908 1.00 27.44 ? 5   GLN A CA  1 
ATOM   18  C C   . GLN A 1 5  ? -5.695  5.056   -20.189 1.00 26.95 ? 5   GLN A C   1 
ATOM   19  O O   . GLN A 1 5  ? -5.423  4.147   -19.388 1.00 24.68 ? 5   GLN A O   1 
ATOM   20  C CB  . GLN A 1 5  ? -6.875  4.581   -22.354 1.00 31.17 ? 5   GLN A CB  1 
ATOM   21  C CG  . GLN A 1 5  ? -6.289  3.310   -22.453 1.00 36.35 ? 5   GLN A CG  1 
ATOM   22  N N   . GLN A 1 6  ? -4.917  6.119   -20.377 1.00 26.00 ? 6   GLN A N   1 
ATOM   23  C CA  . GLN A 1 6  ? -3.625  6.211   -19.686 1.00 25.40 ? 6   GLN A CA  1 
ATOM   24  C C   . GLN A 1 6  ? -3.815  6.376   -18.192 1.00 24.80 ? 6   GLN A C   1 
ATOM   25  O O   . GLN A 1 6  ? -3.031  5.790   -17.410 1.00 23.43 ? 6   GLN A O   1 
ATOM   26  C CB  . GLN A 1 6  ? -2.729  7.293   -20.246 1.00 27.15 ? 6   GLN A CB  1 
ATOM   27  C CG  . GLN A 1 6  ? -1.376  7.429   -19.561 1.00 30.27 ? 6   GLN A CG  1 
ATOM   28  C CD  . GLN A 1 6  ? -0.400  6.342   -19.934 1.00 32.22 ? 6   GLN A CD  1 
ATOM   29  O OE1 . GLN A 1 6  ? 0.783   6.601   -20.215 1.00 32.44 ? 6   GLN A OE1 1 
ATOM   30  N NE2 . GLN A 1 6  ? -0.850  5.090   -19.929 1.00 29.33 ? 6   GLN A NE2 1 
ATOM   31  N N   . GLN A 1 7  ? -4.811  7.145   -17.767 1.00 22.53 ? 7   GLN A N   1 
ATOM   32  C CA  . GLN A 1 7  ? -5.040  7.303   -16.319 1.00 22.74 ? 7   GLN A CA  1 
ATOM   33  C C   . GLN A 1 7  ? -5.469  5.986   -15.719 1.00 21.57 ? 7   GLN A C   1 
ATOM   34  O O   . GLN A 1 7  ? -5.013  5.638   -14.606 1.00 18.97 ? 7   GLN A O   1 
ATOM   35  C CB  . GLN A 1 7  ? -6.050  8.410   -16.040 1.00 24.87 ? 7   GLN A CB  1 
ATOM   36  C CG  . GLN A 1 7  ? -5.437  9.800   -16.063 1.00 29.62 ? 7   GLN A CG  1 
ATOM   37  C CD  . GLN A 1 7  ? -6.394  10.899  -15.725 1.00 30.57 ? 7   GLN A CD  1 
ATOM   38  O OE1 . GLN A 1 7  ? -7.612  10.704  -15.688 1.00 33.15 ? 7   GLN A OE1 1 
ATOM   39  N NE2 . GLN A 1 7  ? -5.853  12.095  -15.464 1.00 32.24 ? 7   GLN A NE2 1 
ATOM   40  N N   . ASN A 1 8  ? -6.243  5.180   -16.438 1.00 19.70 ? 8   ASN A N   1 
ATOM   41  C CA  . ASN A 1 8  ? -6.631  3.863   -15.939 1.00 19.20 ? 8   ASN A CA  1 
ATOM   42  C C   . ASN A 1 8  ? -5.410  2.948   -15.850 1.00 18.03 ? 8   ASN A C   1 
ATOM   43  O O   . ASN A 1 8  ? -5.295  2.175   -14.879 1.00 17.97 ? 8   ASN A O   1 
ATOM   44  C CB  . ASN A 1 8  ? -7.725  3.219   -16.761 1.00 21.73 ? 8   ASN A CB  1 
ATOM   45  C CG  . ASN A 1 8  ? -9.000  4.015   -16.874 1.00 28.78 ? 8   ASN A CG  1 
ATOM   46  O OD1 . ASN A 1 8  ? -9.861  3.666   -17.710 1.00 32.93 ? 8   ASN A OD1 1 
ATOM   47  N ND2 . ASN A 1 8  ? -9.174  5.056   -16.085 1.00 26.96 ? 8   ASN A ND2 1 
ATOM   48  N N   . ASN A 1 9  ? -4.537  3.030   -16.833 1.00 17.58 ? 9   ASN A N   1 
ATOM   49  C CA  . ASN A 1 9  ? -3.314  2.220   -16.829 1.00 17.00 ? 9   ASN A CA  1 
ATOM   50  C C   . ASN A 1 9  ? -2.547  2.577   -15.524 1.00 17.22 ? 9   ASN A C   1 
ATOM   51  O O   . ASN A 1 9  ? -2.022  1.659   -14.885 1.00 15.82 ? 9   ASN A O   1 
ATOM   52  C CB  . ASN A 1 9  ? -2.398  2.528   -17.993 1.00 19.78 ? 9   ASN A CB  1 
ATOM   53  C CG  . ASN A 1 9  ? -2.925  2.186   -19.366 1.00 23.01 ? 9   ASN A CG  1 
ATOM   54  O OD1 . ASN A 1 9  ? -2.379  2.706   -20.370 1.00 28.14 ? 9   ASN A OD1 1 
ATOM   55  N ND2 . ASN A 1 9  ? -3.914  1.345   -19.433 1.00 21.09 ? 9   ASN A ND2 1 
ATOM   56  N N   . LEU A 1 10 ? -2.345  3.873   -15.320 1.00 15.35 ? 10  LEU A N   1 
ATOM   57  C CA  . LEU A 1 10 ? -1.477  4.267   -14.172 1.00 14.62 ? 10  LEU A CA  1 
ATOM   58  C C   . LEU A 1 10 ? -2.122  3.826   -12.876 1.00 14.83 ? 10  LEU A C   1 
ATOM   59  O O   . LEU A 1 10 ? -1.394  3.348   -11.967 1.00 14.24 ? 10  LEU A O   1 
ATOM   60  C CB  . LEU A 1 10 ? -1.199  5.747   -14.188 1.00 17.63 ? 10  LEU A CB  1 
ATOM   61  C CG  . LEU A 1 10 ? -0.456  6.292   -15.421 1.00 18.33 ? 10  LEU A CG  1 
ATOM   62  C CD1 . LEU A 1 10 ? -0.261  7.792   -15.283 1.00 21.55 ? 10  LEU A CD1 1 
ATOM   63  C CD2 . LEU A 1 10 ? 0.852   5.565   -15.651 1.00 18.70 ? 10  LEU A CD2 1 
ATOM   64  N N   . LEU A 1 11 ? -3.430  3.956   -12.716 1.00 13.37 ? 11  LEU A N   1 
ATOM   65  C CA  . LEU A 1 11 ? -4.097  3.485   -11.507 1.00 13.52 ? 11  LEU A CA  1 
ATOM   66  C C   . LEU A 1 11 ? -3.899  1.999   -11.373 1.00 13.12 ? 11  LEU A C   1 
ATOM   67  O O   . LEU A 1 11 ? -3.625  1.516   -10.230 1.00 11.93 ? 11  LEU A O   1 
ATOM   68  C CB  . LEU A 1 11 ? -5.597  3.834   -11.556 1.00 15.32 ? 11  LEU A CB  1 
ATOM   69  C CG  . LEU A 1 11 ? -6.423  3.330   -10.381 1.00 15.14 ? 11  LEU A CG  1 
ATOM   70  C CD1 . LEU A 1 11 ? -5.822  3.789   -9.049  1.00 16.67 ? 11  LEU A CD1 1 
ATOM   71  C CD2 . LEU A 1 11 ? -7.870  3.816   -10.518 1.00 16.50 ? 11  LEU A CD2 1 
ATOM   72  N N   . ARG A 1 12 ? -4.082  1.198   -12.407 1.00 13.54 ? 12  ARG A N   1 
ATOM   73  C CA  . ARG A 1 12 ? -3.850  -0.243  -12.275 1.00 13.22 ? 12  ARG A CA  1 
ATOM   74  C C   . ARG A 1 12 ? -2.410  -0.537  -11.883 1.00 12.64 ? 12  ARG A C   1 
ATOM   75  O O   . ARG A 1 12 ? -2.198  -1.434  -11.032 1.00 13.53 ? 12  ARG A O   1 
ATOM   76  C CB  . ARG A 1 12 ? -4.176  -0.960  -13.610 1.00 15.24 ? 12  ARG A CB  1 
ATOM   77  C CG  . ARG A 1 12 ? -5.701  -1.009  -13.807 1.00 19.01 ? 12  ARG A CG  1 
ATOM   78  C CD  . ARG A 1 12 ? -6.015  -1.881  -15.025 1.00 19.45 ? 12  ARG A CD  1 
ATOM   79  N NE  . ARG A 1 12 ? -7.459  -1.946  -15.253 1.00 25.07 ? 12  ARG A NE  1 
ATOM   80  C CZ  . ARG A 1 12 ? -8.080  -1.171  -16.140 1.00 30.58 ? 12  ARG A CZ  1 
ATOM   81  N NH1 . ARG A 1 12 ? -7.408  -0.294  -16.863 1.00 31.97 ? 12  ARG A NH1 1 
ATOM   82  N NH2 . ARG A 1 12 ? -9.394  -1.315  -16.284 1.00 32.59 ? 12  ARG A NH2 1 
ATOM   83  N N   . ALA A 1 13 ? -1.450  0.228   -12.338 1.00 12.86 ? 13  ALA A N   1 
ATOM   84  C CA  . ALA A 1 13 ? -0.053  0.047   -11.966 1.00 10.00 ? 13  ALA A CA  1 
ATOM   85  C C   . ALA A 1 13 ? 0.111   0.353   -10.471 1.00 11.47 ? 13  ALA A C   1 
ATOM   86  O O   . ALA A 1 13 ? 0.758   -0.438  -9.756  1.00 10.97 ? 13  ALA A O   1 
ATOM   87  C CB  . ALA A 1 13 ? 0.884   0.865   -12.811 1.00 12.50 ? 13  ALA A CB  1 
ATOM   88  N N   . ILE A 1 14 ? -0.476  1.428   -10.010 1.00 10.60 ? 14  ILE A N   1 
ATOM   89  C CA  . ILE A 1 14 ? -0.388  1.789   -8.569  1.00 11.42 ? 14  ILE A CA  1 
ATOM   90  C C   . ILE A 1 14 ? -1.047  0.734   -7.725  1.00 12.05 ? 14  ILE A C   1 
ATOM   91  O O   . ILE A 1 14 ? -0.523  0.344   -6.663  1.00 11.93 ? 14  ILE A O   1 
ATOM   92  C CB  . ILE A 1 14 ? -1.049  3.166   -8.366  1.00 12.46 ? 14  ILE A CB  1 
ATOM   93  C CG1 . ILE A 1 14 ? -0.140  4.234   -8.957  1.00 12.48 ? 14  ILE A CG1 1 
ATOM   94  C CG2 . ILE A 1 14 ? -1.344  3.429   -6.884  1.00 15.75 ? 14  ILE A CG2 1 
ATOM   95  C CD1 . ILE A 1 14 ? -0.861  5.581   -9.138  1.00 14.81 ? 14  ILE A CD1 1 
ATOM   96  N N   . GLU A 1 15 ? -2.177  0.169   -8.128  1.00 11.19 ? 15  GLU A N   1 
ATOM   97  C CA  . GLU A 1 15 ? -2.840  -0.910  -7.426  1.00 12.33 ? 15  GLU A CA  1 
ATOM   98  C C   . GLU A 1 15 ? -1.951  -2.132  -7.344  1.00 11.90 ? 15  GLU A C   1 
ATOM   99  O O   . GLU A 1 15 ? -1.837  -2.758  -6.267  1.00 12.88 ? 15  GLU A O   1 
ATOM   100 C CB  . GLU A 1 15 ? -4.165  -1.275  -8.135  1.00 13.61 ? 15  GLU A CB  1 
ATOM   101 C CG  . GLU A 1 15 ? -5.202  -0.183  -8.000  1.00 16.89 ? 15  GLU A CG  1 
ATOM   102 C CD  . GLU A 1 15 ? -6.418  -0.382  -8.885  1.00 21.36 ? 15  GLU A CD  1 
ATOM   103 O OE1 . GLU A 1 15 ? -7.419  0.341   -8.643  1.00 23.36 ? 15  GLU A OE1 1 
ATOM   104 O OE2 . GLU A 1 15 ? -6.332  -1.111  -9.882  1.00 24.12 ? 15  GLU A OE2 1 
ATOM   105 N N   . ALA A 1 16 ? -1.312  -2.510  -8.452  1.00 12.24 ? 16  ALA A N   1 
ATOM   106 C CA  . ALA A 1 16 ? -0.464  -3.692  -8.445  1.00 11.65 ? 16  ALA A CA  1 
ATOM   107 C C   . ALA A 1 16 ? 0.780   -3.430  -7.595  1.00 11.62 ? 16  ALA A C   1 
ATOM   108 O O   . ALA A 1 16 ? 1.162   -4.298  -6.793  1.00 11.45 ? 16  ALA A O   1 
ATOM   109 C CB  . ALA A 1 16 ? -0.027  -4.087  -9.847  1.00 13.68 ? 16  ALA A CB  1 
ATOM   110 N N   . GLN A 1 17 ? 1.318   -2.227  -7.630  1.00 10.67 ? 17  GLN A N   1 
ATOM   111 C CA  . GLN A 1 17 ? 2.433   -1.888  -6.738  1.00 10.45 ? 17  GLN A CA  1 
ATOM   112 C C   . GLN A 1 17 ? 1.993   -1.923  -5.299  1.00 11.83 ? 17  GLN A C   1 
ATOM   113 O O   . GLN A 1 17 ? 2.825   -2.342  -4.466  1.00 11.41 ? 17  GLN A O   1 
ATOM   114 C CB  . GLN A 1 17 ? 3.008   -0.541  -7.146  1.00 12.60 ? 17  GLN A CB  1 
ATOM   115 C CG  . GLN A 1 17 ? 3.888   -0.838  -8.439  1.00 14.32 ? 17  GLN A CG  1 
ATOM   116 C CD  . GLN A 1 17 ? 4.511   0.417   -8.916  1.00 16.17 ? 17  GLN A CD  1 
ATOM   117 O OE1 . GLN A 1 17 ? 3.758   1.396   -8.790  1.00 17.31 ? 17  GLN A OE1 1 
ATOM   118 N NE2 . GLN A 1 17 ? 5.706   0.530   -9.391  1.00 15.78 ? 17  GLN A NE2 1 
ATOM   119 N N   . GLN A 1 18 ? 0.767   -1.566  -4.985  1.00 10.39 ? 18  GLN A N   1 
ATOM   120 C CA  . GLN A 1 18 ? 0.352   -1.612  -3.552  1.00 9.90  ? 18  GLN A CA  1 
ATOM   121 C C   . GLN A 1 18 ? 0.294   -3.050  -3.100  1.00 10.41 ? 18  GLN A C   1 
ATOM   122 O O   . GLN A 1 18 ? 0.622   -3.338  -1.930  1.00 11.37 ? 18  GLN A O   1 
ATOM   123 C CB  . GLN A 1 18 ? -0.996  -0.901  -3.404  1.00 12.46 ? 18  GLN A CB  1 
ATOM   124 C CG  . GLN A 1 18 ? -1.510  -0.955  -1.956  1.00 11.61 ? 18  GLN A CG  1 
ATOM   125 C CD  . GLN A 1 18 ? -0.523  -0.283  -1.006  1.00 16.44 ? 18  GLN A CD  1 
ATOM   126 O OE1 . GLN A 1 18 ? -0.653  -0.531  0.220   1.00 18.88 ? 18  GLN A OE1 1 
ATOM   127 N NE2 . GLN A 1 18 ? 0.340   0.549   -1.530  1.00 13.76 ? 18  GLN A NE2 1 
ATOM   128 N N   . HIS A 1 19 ? -0.126  -3.975  -3.941  1.00 10.20 ? 19  HIS A N   1 
ATOM   129 C CA  . HIS A 1 19 ? -0.115  -5.395  -3.570  1.00 11.99 ? 19  HIS A CA  1 
ATOM   130 C C   . HIS A 1 19 ? 1.316   -5.819  -3.305  1.00 13.74 ? 19  HIS A C   1 
ATOM   131 O O   . HIS A 1 19 ? 1.584   -6.539  -2.332  1.00 13.90 ? 19  HIS A O   1 
ATOM   132 C CB  . HIS A 1 19 ? -0.709  -6.236  -4.701  1.00 15.71 ? 19  HIS A CB  1 
ATOM   133 C CG  . HIS A 1 19 ? -2.197  -6.243  -4.757  1.00 19.15 ? 19  HIS A CG  1 
ATOM   134 N ND1 . HIS A 1 19 ? -2.937  -7.048  -3.881  1.00 24.73 ? 19  HIS A ND1 1 
ATOM   135 C CD2 . HIS A 1 19 ? -3.070  -5.661  -5.580  1.00 19.98 ? 19  HIS A CD2 1 
ATOM   136 C CE1 . HIS A 1 19 ? -4.228  -6.876  -4.159  1.00 23.96 ? 19  HIS A CE1 1 
ATOM   137 N NE2 . HIS A 1 19 ? -4.339  -6.026  -5.163  1.00 23.96 ? 19  HIS A NE2 1 
ATOM   138 N N   . LEU A 1 20 ? 2.234   -5.419  -4.178  1.00 11.20 ? 20  LEU A N   1 
ATOM   139 C CA  . LEU A 1 20 ? 3.637   -5.788  -3.952  1.00 11.33 ? 20  LEU A CA  1 
ATOM   140 C C   . LEU A 1 20 ? 4.117   -5.184  -2.657  1.00 12.10 ? 20  LEU A C   1 
ATOM   141 O O   . LEU A 1 20 ? 4.820   -5.863  -1.869  1.00 13.54 ? 20  LEU A O   1 
ATOM   142 C CB  . LEU A 1 20 ? 4.482   -5.359  -5.144  1.00 14.23 ? 20  LEU A CB  1 
ATOM   143 C CG  . LEU A 1 20 ? 5.919   -5.873  -5.197  1.00 17.93 ? 20  LEU A CG  1 
ATOM   144 C CD1 . LEU A 1 20 ? 5.935   -7.400  -5.082  1.00 20.55 ? 20  LEU A CD1 1 
ATOM   145 C CD2 . LEU A 1 20 ? 6.599   -5.433  -6.478  1.00 20.97 ? 20  LEU A CD2 1 
ATOM   146 N N   . LEU A 1 21 ? 3.886   -3.914  -2.390  1.00 12.44 ? 21  LEU A N   1 
ATOM   147 C CA  . LEU A 1 21 ? 4.245   -3.296  -1.130  1.00 13.12 ? 21  LEU A CA  1 
ATOM   148 C C   . LEU A 1 21 ? 3.696   -4.080  0.045   1.00 13.43 ? 21  LEU A C   1 
ATOM   149 O O   . LEU A 1 21 ? 4.424   -4.270  1.050   1.00 14.67 ? 21  LEU A O   1 
ATOM   150 C CB  . LEU A 1 21 ? 3.696   -1.852  -1.070  1.00 16.55 ? 21  LEU A CB  1 
ATOM   151 C CG  . LEU A 1 21 ? 4.534   -0.797  -1.760  1.00 19.35 ? 21  LEU A CG  1 
ATOM   152 C CD1 . LEU A 1 21 ? 3.780   0.520   -1.892  1.00 16.91 ? 21  LEU A CD1 1 
ATOM   153 C CD2 . LEU A 1 21 ? 5.846   -0.605  -0.976  1.00 20.31 ? 21  LEU A CD2 1 
ATOM   154 N N   . GLN A 1 22 ? 2.428   -4.456  0.012   1.00 12.94 ? 22  GLN A N   1 
ATOM   155 C CA  . GLN A 1 22 ? 1.875   -5.219  1.150   1.00 12.23 ? 22  GLN A CA  1 
ATOM   156 C C   . GLN A 1 22 ? 2.582   -6.549  1.305   1.00 13.29 ? 22  GLN A C   1 
ATOM   157 O O   . GLN A 1 22 ? 2.799   -6.946  2.468   1.00 13.97 ? 22  GLN A O   1 
ATOM   158 C CB  . GLN A 1 22 ? 0.377   -5.419  0.939   1.00 16.13 ? 22  GLN A CB  1 
ATOM   159 C CG  . GLN A 1 22 ? -0.326  -4.117  1.362   1.00 23.51 ? 22  GLN A CG  1 
ATOM   160 C CD  . GLN A 1 22 ? -0.702  -4.144  2.837   1.00 29.75 ? 22  GLN A CD  1 
ATOM   161 O OE1 . GLN A 1 22 ? -1.880  -4.255  3.186   1.00 35.96 ? 22  GLN A OE1 1 
ATOM   162 N NE2 . GLN A 1 22 ? 0.294   -4.020  3.702   1.00 31.18 ? 22  GLN A NE2 1 
ATOM   163 N N   . LEU A 1 23 ? 2.973   -7.209  0.247   1.00 11.85 ? 23  LEU A N   1 
ATOM   164 C CA  . LEU A 1 23 ? 3.740   -8.443  0.373   1.00 12.18 ? 23  LEU A CA  1 
ATOM   165 C C   . LEU A 1 23 ? 5.074   -8.134  0.993   1.00 11.58 ? 23  LEU A C   1 
ATOM   166 O O   . LEU A 1 23 ? 5.571   -8.957  1.786   1.00 12.31 ? 23  LEU A O   1 
ATOM   167 C CB  . LEU A 1 23 ? 3.925   -9.099  -0.996  1.00 12.33 ? 23  LEU A CB  1 
ATOM   168 C CG  . LEU A 1 23 ? 2.634   -9.672  -1.584  1.00 12.52 ? 23  LEU A CG  1 
ATOM   169 C CD1 . LEU A 1 23 ? 2.774   -9.894  -3.062  1.00 14.37 ? 23  LEU A CD1 1 
ATOM   170 C CD2 . LEU A 1 23 ? 2.239   -10.977 -0.870  1.00 15.50 ? 23  LEU A CD2 1 
ATOM   171 N N   . THR A 1 24 ? 5.721   -7.061  0.677   1.00 11.47 ? 24  THR A N   1 
ATOM   172 C CA  . THR A 1 24 ? 7.065   -6.780  1.306   1.00 11.10 ? 24  THR A CA  1 
ATOM   173 C C   . THR A 1 24 ? 6.857   -6.425  2.750   1.00 11.87 ? 24  THR A C   1 
ATOM   174 O O   . THR A 1 24 ? 7.694   -6.847  3.595   1.00 13.50 ? 24  THR A O   1 
ATOM   175 C CB  . THR A 1 24 ? 7.620   -5.713  0.430   1.00 11.74 ? 24  THR A CB  1 
ATOM   176 O OG1 . THR A 1 24 ? 7.187   -4.400  0.753   1.00 8.32  ? 24  THR A OG1 1 
ATOM   177 C CG2 . THR A 1 24 ? 8.280   -6.064  -0.729  1.00 17.39 ? 24  THR A CG2 1 
ATOM   178 N N   . VAL A 1 25 ? 5.803   -5.708  3.117   1.00 11.56 ? 25  VAL A N   1 
ATOM   179 C CA  . VAL A 1 25 ? 5.567   -5.410  4.559   1.00 11.35 ? 25  VAL A CA  1 
ATOM   180 C C   . VAL A 1 25 ? 5.382   -6.737  5.281   1.00 13.24 ? 25  VAL A C   1 
ATOM   181 O O   . VAL A 1 25 ? 5.961   -6.906  6.381   1.00 14.45 ? 25  VAL A O   1 
ATOM   182 C CB  . VAL A 1 25 ? 4.293   -4.552  4.701   1.00 12.74 ? 25  VAL A CB  1 
ATOM   183 C CG1 . VAL A 1 25 ? 3.822   -4.457  6.145   1.00 16.77 ? 25  VAL A CG1 1 
ATOM   184 C CG2 . VAL A 1 25 ? 4.610   -3.140  4.168   1.00 13.92 ? 25  VAL A CG2 1 
ATOM   185 N N   . TRP A 1 26 ? 4.537   -7.582  4.729   1.00 11.91 ? 26  TRP A N   1 
ATOM   186 C CA  . TRP A 1 26 ? 4.296   -8.890  5.378   1.00 13.65 ? 26  TRP A CA  1 
ATOM   187 C C   . TRP A 1 26 ? 5.586   -9.649  5.493   1.00 15.71 ? 26  TRP A C   1 
ATOM   188 O O   . TRP A 1 26 ? 5.851   -10.215 6.577   1.00 15.44 ? 26  TRP A O   1 
ATOM   189 C CB  . TRP A 1 26 ? 3.232   -9.639  4.601   1.00 16.41 ? 26  TRP A CB  1 
ATOM   190 C CG  . TRP A 1 26 ? 2.854   -10.963 5.232   1.00 18.10 ? 26  TRP A CG  1 
ATOM   191 C CD1 . TRP A 1 26 ? 1.855   -11.192 6.110   1.00 21.74 ? 26  TRP A CD1 1 
ATOM   192 C CD2 . TRP A 1 26 ? 3.494   -12.210 4.957   1.00 20.05 ? 26  TRP A CD2 1 
ATOM   193 N NE1 . TRP A 1 26 ? 1.826   -12.542 6.423   1.00 21.67 ? 26  TRP A NE1 1 
ATOM   194 C CE2 . TRP A 1 26 ? 2.813   -13.175 5.740   1.00 19.69 ? 26  TRP A CE2 1 
ATOM   195 C CE3 . TRP A 1 26 ? 4.558   -12.612 4.154   1.00 19.40 ? 26  TRP A CE3 1 
ATOM   196 C CZ2 . TRP A 1 26 ? 3.187   -14.528 5.714   1.00 23.18 ? 26  TRP A CZ2 1 
ATOM   197 C CZ3 . TRP A 1 26 ? 4.927   -13.944 4.128   1.00 22.68 ? 26  TRP A CZ3 1 
ATOM   198 C CH2 . TRP A 1 26 ? 4.224   -14.881 4.915   1.00 22.46 ? 26  TRP A CH2 1 
ATOM   199 N N   . GLY A 1 27 ? 6.460   -9.648  4.520   1.00 13.82 ? 27  GLY A N   1 
ATOM   200 C CA  . GLY A 1 27 ? 7.733   -10.367 4.571   1.00 14.82 ? 27  GLY A CA  1 
ATOM   201 C C   . GLY A 1 27 ? 8.591   -9.820  5.690   1.00 16.13 ? 27  GLY A C   1 
ATOM   202 O O   . GLY A 1 27 ? 9.232   -10.578 6.455   1.00 16.70 ? 27  GLY A O   1 
ATOM   203 N N   . ILE A 1 28 ? 8.669   -8.501  5.810   1.00 15.29 ? 28  ILE A N   1 
ATOM   204 C CA  . ILE A 1 28 ? 9.491   -7.886  6.865   1.00 13.85 ? 28  ILE A CA  1 
ATOM   205 C C   . ILE A 1 28 ? 8.950   -8.261  8.234   1.00 16.13 ? 28  ILE A C   1 
ATOM   206 O O   . ILE A 1 28 ? 9.752   -8.610  9.128   1.00 16.14 ? 28  ILE A O   1 
ATOM   207 C CB  . ILE A 1 28 ? 9.522   -6.363  6.651   1.00 13.55 ? 28  ILE A CB  1 
ATOM   208 C CG1 . ILE A 1 28 ? 10.361  -6.064  5.398   1.00 14.73 ? 28  ILE A CG1 1 
ATOM   209 C CG2 . ILE A 1 28 ? 10.093  -5.629  7.854   1.00 13.75 ? 28  ILE A CG2 1 
ATOM   210 C CD1 . ILE A 1 28 ? 10.158  -4.604  4.931   1.00 14.92 ? 28  ILE A CD1 1 
ATOM   211 N N   . LYS A 1 29 ? 7.646   -8.251  8.404   1.00 16.18 ? 29  LYS A N   1 
ATOM   212 C CA  . LYS A 1 29 ? 7.053   -8.652  9.705   1.00 15.91 ? 29  LYS A CA  1 
ATOM   213 C C   . LYS A 1 29 ? 7.373   -10.093 10.016  1.00 19.69 ? 29  LYS A C   1 
ATOM   214 O O   . LYS A 1 29 ? 7.694   -10.381 11.214  1.00 20.27 ? 29  LYS A O   1 
ATOM   215 C CB  . LYS A 1 29 ? 5.538   -8.405  9.667   1.00 18.50 ? 29  LYS A CB  1 
ATOM   216 C CG  . LYS A 1 29 ? 5.172   -6.930  9.753   1.00 21.67 ? 29  LYS A CG  1 
ATOM   217 C CD  . LYS A 1 29 ? 3.672   -6.710  9.628   1.00 25.09 ? 29  LYS A CD  1 
ATOM   218 C CE  . LYS A 1 29 ? 3.333   -5.249  9.939   1.00 28.50 ? 29  LYS A CE  1 
ATOM   219 N NZ  . LYS A 1 29 ? 1.850   -5.059  10.001  1.00 32.94 ? 29  LYS A NZ  1 
ATOM   220 N N   . GLN A 1 30 ? 7.484   -10.971 9.054   1.00 19.07 ? 30  GLN A N   1 
ATOM   221 C CA  . GLN A 1 30 ? 7.793   -12.383 9.328   1.00 19.82 ? 30  GLN A CA  1 
ATOM   222 C C   . GLN A 1 30 ? 9.250   -12.504 9.767   1.00 21.96 ? 30  GLN A C   1 
ATOM   223 O O   . GLN A 1 30 ? 9.552   -13.289 10.697  1.00 22.56 ? 30  GLN A O   1 
ATOM   224 C CB  . GLN A 1 30 ? 7.536   -13.255 8.125   1.00 21.30 ? 30  GLN A CB  1 
ATOM   225 C CG  . GLN A 1 30 ? 6.177   -13.300 7.529   1.00 24.23 ? 30  GLN A CG  1 
ATOM   226 C CD  . GLN A 1 30 ? 5.017   -13.286 8.468   1.00 29.01 ? 30  GLN A CD  1 
ATOM   227 O OE1 . GLN A 1 30 ? 4.736   -14.265 9.164   1.00 29.11 ? 30  GLN A OE1 1 
ATOM   228 N NE2 . GLN A 1 30 ? 4.296   -12.158 8.510   1.00 29.66 ? 30  GLN A NE2 1 
ATOM   229 N N   . LEU A 1 31 ? 10.123  -11.718 9.203   1.00 20.39 ? 31  LEU A N   1 
ATOM   230 C CA  . LEU A 1 31 ? 11.534  -11.704 9.558   1.00 22.38 ? 31  LEU A CA  1 
ATOM   231 C C   . LEU A 1 31 ? 11.762  -11.081 10.923  1.00 24.87 ? 31  LEU A C   1 
ATOM   232 O O   . LEU A 1 31 ? 12.716  -11.478 11.632  1.00 25.31 ? 31  LEU A O   1 
ATOM   233 C CB  . LEU A 1 31 ? 12.359  -10.964 8.502   1.00 22.85 ? 31  LEU A CB  1 
ATOM   234 C CG  . LEU A 1 31 ? 12.442  -11.653 7.134   1.00 23.51 ? 31  LEU A CG  1 
ATOM   235 C CD1 . LEU A 1 31 ? 12.990  -10.685 6.100   1.00 24.79 ? 31  LEU A CD1 1 
ATOM   236 C CD2 . LEU A 1 31 ? 13.323  -12.902 7.239   1.00 23.86 ? 31  LEU A CD2 1 
ATOM   237 N N   . GLN A 1 32 ? 10.935  -10.124 11.312  1.00 24.79 ? 32  GLN A N   1 
ATOM   238 C CA  . GLN A 1 32 ? 11.150  -9.484  12.625  1.00 29.23 ? 32  GLN A CA  1 
ATOM   239 C C   . GLN A 1 32 ? 10.573  -10.343 13.735  1.00 32.68 ? 32  GLN A C   1 
ATOM   240 O O   . GLN A 1 32 ? 11.119  -10.358 14.845  1.00 33.74 ? 32  GLN A O   1 
ATOM   241 C CB  . GLN A 1 32 ? 10.687  -8.069  12.655  1.00 31.82 ? 32  GLN A CB  1 
ATOM   242 C CG  . GLN A 1 32 ? 9.245   -7.761  12.574  1.00 33.94 ? 32  GLN A CG  1 
ATOM   243 C CD  . GLN A 1 32 ? 8.903   -6.426  11.943  1.00 31.02 ? 32  GLN A CD  1 
ATOM   244 O OE1 . GLN A 1 32 ? 7.734   -6.082  11.843  1.00 35.08 ? 32  GLN A OE1 1 
ATOM   245 N NE2 . GLN A 1 32 ? 9.897   -5.688  11.471  1.00 36.27 ? 32  GLN A NE2 1 
ATOM   246 N N   . ALA A 1 33 ? 9.581   -11.162 13.410  1.00 34.19 ? 33  ALA A N   1 
ATOM   247 C CA  . ALA A 1 33 ? 8.949   -12.031 14.394  1.00 36.28 ? 33  ALA A CA  1 
ATOM   248 C C   . ALA A 1 33 ? 9.836   -13.210 14.756  1.00 37.42 ? 33  ALA A C   1 
ATOM   249 O O   . ALA A 1 33 ? 9.569   -13.844 15.807  1.00 37.83 ? 33  ALA A O   1 
ATOM   250 C CB  . ALA A 1 33 ? 7.602   -12.515 13.864  1.00 37.68 ? 33  ALA A CB  1 
ATOM   251 N N   . GLY A 1 39 ? 7.986   -4.830  20.659  1.00 33.21 ? 39  GLY A N   1 
ATOM   252 C CA  . GLY A 1 39 ? 9.410   -5.199  20.493  1.00 31.97 ? 39  GLY A CA  1 
ATOM   253 C C   . GLY A 1 39 ? 10.221  -4.119  19.796  1.00 30.83 ? 39  GLY A C   1 
ATOM   254 O O   . GLY A 1 39 ? 11.137  -4.445  19.028  1.00 33.75 ? 39  GLY A O   1 
ATOM   255 N N   . GLY A 1 40 ? 9.908   -2.852  20.030  1.00 26.47 ? 40  GLY A N   1 
ATOM   256 C CA  . GLY A 1 40 ? 10.623  -1.739  19.455  1.00 21.59 ? 40  GLY A CA  1 
ATOM   257 C C   . GLY A 1 40 ? 10.120  -1.294  18.084  1.00 21.34 ? 40  GLY A C   1 
ATOM   258 O O   . GLY A 1 40 ? 10.540  -0.228  17.593  1.00 20.97 ? 40  GLY A O   1 
ATOM   259 N N   . TRP A 1 41 ? 9.158   -2.011  17.518  1.00 20.23 ? 41  TRP A N   1 
ATOM   260 C CA  . TRP A 1 41 ? 8.642   -1.732  16.182  1.00 20.43 ? 41  TRP A CA  1 
ATOM   261 C C   . TRP A 1 41 ? 7.277   -1.049  16.255  1.00 19.89 ? 41  TRP A C   1 
ATOM   262 O O   . TRP A 1 41 ? 6.642   -0.850  15.194  1.00 20.00 ? 41  TRP A O   1 
ATOM   263 C CB  . TRP A 1 41 ? 8.486   -3.025  15.383  1.00 19.28 ? 41  TRP A CB  1 
ATOM   264 C CG  . TRP A 1 41 ? 9.695   -3.751  14.929  1.00 21.96 ? 41  TRP A CG  1 
ATOM   265 C CD1 . TRP A 1 41 ? 10.304  -4.831  15.527  1.00 21.96 ? 41  TRP A CD1 1 
ATOM   266 C CD2 . TRP A 1 41 ? 10.470  -3.509  13.741  1.00 24.28 ? 41  TRP A CD2 1 
ATOM   267 N NE1 . TRP A 1 41 ? 11.398  -5.235  14.823  1.00 23.10 ? 41  TRP A NE1 1 
ATOM   268 C CE2 . TRP A 1 41 ? 11.518  -4.438  13.704  1.00 24.96 ? 41  TRP A CE2 1 
ATOM   269 C CE3 . TRP A 1 41 ? 10.367  -2.567  12.705  1.00 27.92 ? 41  TRP A CE3 1 
ATOM   270 C CZ2 . TRP A 1 41 ? 12.459  -4.474  12.681  1.00 26.06 ? 41  TRP A CZ2 1 
ATOM   271 C CZ3 . TRP A 1 41 ? 11.302  -2.596  11.691  1.00 30.26 ? 41  TRP A CZ3 1 
ATOM   272 C CH2 . TRP A 1 41 ? 12.339  -3.549  11.682  1.00 32.03 ? 41  TRP A CH2 1 
ATOM   273 N N   . MET A 1 42 ? 6.798   -0.647  17.410  1.00 19.90 ? 42  MET A N   1 
ATOM   274 C CA  . MET A 1 42 ? 5.462   -0.053  17.531  1.00 20.08 ? 42  MET A CA  1 
ATOM   275 C C   . MET A 1 42 ? 5.259   1.154   16.667  1.00 19.80 ? 42  MET A C   1 
ATOM   276 O O   . MET A 1 42 ? 4.139   1.364   16.114  1.00 18.56 ? 42  MET A O   1 
ATOM   277 C CB  . MET A 1 42 ? 5.171   0.243   19.001  1.00 22.23 ? 42  MET A CB  1 
ATOM   278 N N   . GLU A 1 43 ? 6.232   2.054   16.556  1.00 17.64 ? 43  GLU A N   1 
ATOM   279 C CA  . GLU A 1 43 ? 6.055   3.272   15.769  1.00 17.33 ? 43  GLU A CA  1 
ATOM   280 C C   . GLU A 1 43 ? 6.101   2.919   14.271  1.00 17.46 ? 43  GLU A C   1 
ATOM   281 O O   . GLU A 1 43 ? 5.288   3.469   13.518  1.00 17.73 ? 43  GLU A O   1 
ATOM   282 C CB  . GLU A 1 43 ? 7.099   4.322   16.097  1.00 18.46 ? 43  GLU A CB  1 
ATOM   283 C CG  . GLU A 1 43 ? 7.055   5.557   15.219  1.00 19.72 ? 43  GLU A CG  1 
ATOM   284 C CD  . GLU A 1 43 ? 5.791   6.369   15.330  1.00 20.30 ? 43  GLU A CD  1 
ATOM   285 O OE1 . GLU A 1 43 ? 4.906   6.070   16.144  1.00 22.26 ? 43  GLU A OE1 1 
ATOM   286 O OE2 . GLU A 1 43 ? 5.683   7.384   14.579  1.00 22.40 ? 43  GLU A OE2 1 
ATOM   287 N N   . TRP A 1 44 ? 6.946   1.996   13.914  1.00 16.31 ? 44  TRP A N   1 
ATOM   288 C CA  . TRP A 1 44 ? 6.990   1.516   12.507  1.00 16.27 ? 44  TRP A CA  1 
ATOM   289 C C   . TRP A 1 44 ? 5.648   0.897   12.147  1.00 15.74 ? 44  TRP A C   1 
ATOM   290 O O   . TRP A 1 44 ? 5.072   1.277   11.095  1.00 14.22 ? 44  TRP A O   1 
ATOM   291 C CB  . TRP A 1 44 ? 8.112   0.514   12.342  1.00 16.36 ? 44  TRP A CB  1 
ATOM   292 C CG  . TRP A 1 44 ? 8.331   -0.009  10.955  1.00 14.93 ? 44  TRP A CG  1 
ATOM   293 C CD1 . TRP A 1 44 ? 9.093   0.607   9.982   1.00 16.96 ? 44  TRP A CD1 1 
ATOM   294 C CD2 . TRP A 1 44 ? 7.822   -1.195  10.385  1.00 14.24 ? 44  TRP A CD2 1 
ATOM   295 N NE1 . TRP A 1 44 ? 9.070   -0.144  8.853   1.00 16.14 ? 44  TRP A NE1 1 
ATOM   296 C CE2 . TRP A 1 44 ? 8.316   -1.272  9.042   1.00 16.71 ? 44  TRP A CE2 1 
ATOM   297 C CE3 . TRP A 1 44 ? 7.003   -2.237  10.828  1.00 17.29 ? 44  TRP A CE3 1 
ATOM   298 C CZ2 . TRP A 1 44 ? 7.983   -2.318  8.196   1.00 17.62 ? 44  TRP A CZ2 1 
ATOM   299 C CZ3 . TRP A 1 44 ? 6.692   -3.278  9.997   1.00 18.59 ? 44  TRP A CZ3 1 
ATOM   300 C CH2 . TRP A 1 44 ? 7.190   -3.319  8.667   1.00 18.71 ? 44  TRP A CH2 1 
ATOM   301 N N   . ASP A 1 45 ? 5.052   0.122   13.039  1.00 15.41 ? 45  ASP A N   1 
ATOM   302 C CA  . ASP A 1 45 ? 3.733   -0.480  12.749  1.00 15.89 ? 45  ASP A CA  1 
ATOM   303 C C   . ASP A 1 45 ? 2.675   0.598   12.644  1.00 17.15 ? 45  ASP A C   1 
ATOM   304 O O   . ASP A 1 45 ? 1.827   0.522   11.720  1.00 16.03 ? 45  ASP A O   1 
ATOM   305 C CB  . ASP A 1 45 ? 3.344   -1.420  13.903  1.00 19.24 ? 45  ASP A CB  1 
ATOM   306 C CG  . ASP A 1 45 ? 4.049   -2.739  13.866  1.00 24.38 ? 45  ASP A CG  1 
ATOM   307 O OD1 . ASP A 1 45 ? 3.987   -3.471  14.888  1.00 28.26 ? 45  ASP A OD1 1 
ATOM   308 O OD2 . ASP A 1 45 ? 4.673   -3.087  12.850  1.00 26.12 ? 45  ASP A OD2 1 
ATOM   309 N N   . ARG A 1 46 ? 2.688   1.603   13.503  1.00 15.70 ? 46  ARG A N   1 
ATOM   310 C CA  . ARG A 1 46 ? 1.722   2.690   13.425  1.00 15.45 ? 46  ARG A CA  1 
ATOM   311 C C   . ARG A 1 46 ? 1.812   3.368   12.054  1.00 15.20 ? 46  ARG A C   1 
ATOM   312 O O   . ARG A 1 46 ? 0.761   3.593   11.432  1.00 16.29 ? 46  ARG A O   1 
ATOM   313 C CB  . ARG A 1 46 ? 1.953   3.719   14.533  1.00 19.53 ? 46  ARG A CB  1 
ATOM   314 C CG  . ARG A 1 46 ? 0.883   4.789   14.643  1.00 22.14 ? 46  ARG A CG  1 
ATOM   315 C CD  . ARG A 1 46 ? 1.247   5.844   15.695  1.00 24.87 ? 46  ARG A CD  1 
ATOM   316 N NE  . ARG A 1 46 ? 2.334   6.698   15.214  1.00 26.90 ? 46  ARG A NE  1 
ATOM   317 C CZ  . ARG A 1 46 ? 2.118   7.759   14.429  1.00 28.75 ? 46  ARG A CZ  1 
ATOM   318 N NH1 . ARG A 1 46 ? 3.119   8.496   13.990  1.00 31.20 ? 46  ARG A NH1 1 
ATOM   319 N NH2 . ARG A 1 46 ? 0.872   8.081   14.103  1.00 31.87 ? 46  ARG A NH2 1 
ATOM   320 N N   . GLU A 1 47 ? 3.017   3.659   11.621  1.00 14.16 ? 47  GLU A N   1 
ATOM   321 C CA  . GLU A 1 47 ? 3.212   4.362   10.349  1.00 14.87 ? 47  GLU A CA  1 
ATOM   322 C C   . GLU A 1 47 ? 2.862   3.504   9.156   1.00 13.77 ? 47  GLU A C   1 
ATOM   323 O O   . GLU A 1 47 ? 2.158   3.993   8.245   1.00 14.35 ? 47  GLU A O   1 
ATOM   324 C CB  . GLU A 1 47 ? 4.638   4.891   10.230  1.00 15.88 ? 47  GLU A CB  1 
ATOM   325 C CG  . GLU A 1 47 ? 4.874   6.094   11.188  1.00 22.88 ? 47  GLU A CG  1 
ATOM   326 C CD  . GLU A 1 47 ? 3.847   7.180   10.906  1.00 27.24 ? 47  GLU A CD  1 
ATOM   327 O OE1 . GLU A 1 47 ? 4.098   8.062   10.072  1.00 32.49 ? 47  GLU A OE1 1 
ATOM   328 O OE2 . GLU A 1 47 ? 2.751   7.132   11.512  1.00 35.88 ? 47  GLU A OE2 1 
ATOM   329 N N   . ILE A 1 48 ? 3.202   2.225   9.192   1.00 14.05 ? 48  ILE A N   1 
ATOM   330 C CA  . ILE A 1 48 ? 2.778   1.307   8.120   1.00 13.20 ? 48  ILE A CA  1 
ATOM   331 C C   . ILE A 1 48 ? 1.259   1.272   8.079   1.00 14.96 ? 48  ILE A C   1 
ATOM   332 O O   . ILE A 1 48 ? 0.687   1.448   7.001   1.00 15.16 ? 48  ILE A O   1 
ATOM   333 C CB  . ILE A 1 48 ? 3.343   -0.104  8.329   1.00 14.70 ? 48  ILE A CB  1 
ATOM   334 C CG1 . ILE A 1 48 ? 4.861   -0.128  8.149   1.00 17.15 ? 48  ILE A CG1 1 
ATOM   335 C CG2 . ILE A 1 48 ? 2.647   -1.133  7.465   1.00 17.91 ? 48  ILE A CG2 1 
ATOM   336 C CD1 . ILE A 1 48 ? 5.336   -0.152  6.715   1.00 15.79 ? 48  ILE A CD1 1 
ATOM   337 N N   . ASN A 1 49 ? 0.613   1.136   9.229   1.00 14.76 ? 49  ASN A N   1 
ATOM   338 C CA  . ASN A 1 49 ? -0.859  1.099   9.237   1.00 15.66 ? 49  ASN A CA  1 
ATOM   339 C C   . ASN A 1 49 ? -1.431  2.399   8.708   1.00 14.96 ? 49  ASN A C   1 
ATOM   340 O O   . ASN A 1 49 ? -2.401  2.346   7.897   1.00 15.26 ? 49  ASN A O   1 
ATOM   341 C CB  . ASN A 1 49 ? -1.373  0.830   10.640  1.00 16.70 ? 49  ASN A CB  1 
ATOM   342 C CG  . ASN A 1 49 ? -1.132  -0.568  11.129  1.00 21.70 ? 49  ASN A CG  1 
ATOM   343 O OD1 . ASN A 1 49 ? -0.927  -1.487  10.348  1.00 25.34 ? 49  ASN A OD1 1 
ATOM   344 N ND2 . ASN A 1 49 ? -1.177  -0.710  12.458  1.00 24.03 ? 49  ASN A ND2 1 
ATOM   345 N N   . ASN A 1 50 ? -0.944  3.550   9.121   1.00 14.92 ? 50  ASN A N   1 
ATOM   346 C CA  . ASN A 1 50 ? -1.554  4.823   8.722   1.00 16.91 ? 50  ASN A CA  1 
ATOM   347 C C   . ASN A 1 50 ? -1.409  5.038   7.223   1.00 15.93 ? 50  ASN A C   1 
ATOM   348 O O   . ASN A 1 50 ? -2.337  5.450   6.547   1.00 16.30 ? 50  ASN A O   1 
ATOM   349 C CB  . ASN A 1 50 ? -0.979  5.998   9.490   1.00 19.53 ? 50  ASN A CB  1 
ATOM   350 C CG  . ASN A 1 50 ? -1.537  6.053   10.919  1.00 21.37 ? 50  ASN A CG  1 
ATOM   351 O OD1 . ASN A 1 50 ? -2.462  5.308   11.228  1.00 24.57 ? 50  ASN A OD1 1 
ATOM   352 N ND2 . ASN A 1 50 ? -0.927  6.881   11.732  1.00 24.25 ? 50  ASN A ND2 1 
ATOM   353 N N   . TYR A 1 51 ? -0.189  4.791   6.717   1.00 14.35 ? 51  TYR A N   1 
ATOM   354 C CA  . TYR A 1 51 ? 0.029   4.970   5.279   1.00 14.07 ? 51  TYR A CA  1 
ATOM   355 C C   . TYR A 1 51 ? -0.700  3.918   4.483   1.00 13.97 ? 51  TYR A C   1 
ATOM   356 O O   . TYR A 1 51 ? -1.161  4.239   3.364   1.00 13.51 ? 51  TYR A O   1 
ATOM   357 C CB  . TYR A 1 51 ? 1.504   5.025   4.915   1.00 13.87 ? 51  TYR A CB  1 
ATOM   358 C CG  . TYR A 1 51 ? 2.094   6.402   5.171   1.00 14.44 ? 51  TYR A CG  1 
ATOM   359 C CD1 . TYR A 1 51 ? 2.919   6.585   6.286   1.00 17.17 ? 51  TYR A CD1 1 
ATOM   360 C CD2 . TYR A 1 51 ? 1.789   7.500   4.391   1.00 18.48 ? 51  TYR A CD2 1 
ATOM   361 C CE1 . TYR A 1 51 ? 3.377   7.834   6.625   1.00 19.49 ? 51  TYR A CE1 1 
ATOM   362 C CE2 . TYR A 1 51 ? 2.265   8.754   4.719   1.00 19.00 ? 51  TYR A CE2 1 
ATOM   363 C CZ  . TYR A 1 51 ? 3.038   8.924   5.841   1.00 20.94 ? 51  TYR A CZ  1 
ATOM   364 O OH  . TYR A 1 51 ? 3.609   10.147  6.129   1.00 26.12 ? 51  TYR A OH  1 
ATOM   365 N N   . THR A 1 52 ? -0.812  2.693   4.952   1.00 13.96 ? 52  THR A N   1 
ATOM   366 C CA  . THR A 1 52 ? -1.609  1.669   4.264   1.00 14.60 ? 52  THR A CA  1 
ATOM   367 C C   . THR A 1 52 ? -3.056  2.103   4.174   1.00 15.53 ? 52  THR A C   1 
ATOM   368 O O   . THR A 1 52 ? -3.646  2.038   3.068   1.00 14.63 ? 52  THR A O   1 
ATOM   369 C CB  . THR A 1 52 ? -1.450  0.291   4.880   1.00 15.52 ? 52  THR A CB  1 
ATOM   370 O OG1 . THR A 1 52 ? -0.050  -0.085  4.799   1.00 15.17 ? 52  THR A OG1 1 
ATOM   371 C CG2 . THR A 1 52 ? -2.282  -0.760  4.174   1.00 16.91 ? 52  THR A CG2 1 
ATOM   372 N N   . SER A 1 53 ? -3.610  2.618   5.245   1.00 14.73 ? 53  SER A N   1 
ATOM   373 C CA  . SER A 1 53 ? -5.013  3.103   5.222   1.00 15.98 ? 53  SER A CA  1 
ATOM   374 C C   . SER A 1 53 ? -5.127  4.282   4.305   1.00 15.31 ? 53  SER A C   1 
ATOM   375 O O   . SER A 1 53 ? -6.108  4.411   3.514   1.00 15.53 ? 53  SER A O   1 
ATOM   376 C CB  . SER A 1 53 ? -5.406  3.506   6.661   1.00 19.51 ? 53  SER A CB  1 
ATOM   377 O OG  . SER A 1 53 ? -5.575  2.304   7.409   1.00 25.87 ? 53  SER A OG  1 
ATOM   378 N N   . LEU A 1 54 ? -4.169  5.194   4.324   1.00 14.34 ? 54  LEU A N   1 
ATOM   379 C CA  . LEU A 1 54 ? -4.168  6.355   3.471   1.00 13.47 ? 54  LEU A CA  1 
ATOM   380 C C   . LEU A 1 54 ? -4.175  5.961   1.990   1.00 14.67 ? 54  LEU A C   1 
ATOM   381 O O   . LEU A 1 54 ? -5.047  6.374   1.245   1.00 13.81 ? 54  LEU A O   1 
ATOM   382 C CB  . LEU A 1 54 ? -2.990  7.269   3.750   1.00 13.75 ? 54  LEU A CB  1 
ATOM   383 C CG  . LEU A 1 54 ? -2.877  8.542   2.927   1.00 14.91 ? 54  LEU A CG  1 
ATOM   384 C CD1 . LEU A 1 54 ? -4.115  9.412   3.220   1.00 17.68 ? 54  LEU A CD1 1 
ATOM   385 C CD2 . LEU A 1 54 ? -1.604  9.285   3.239   1.00 17.79 ? 54  LEU A CD2 1 
ATOM   386 N N   . ILE A 1 55 ? -3.264  5.035   1.631   1.00 12.93 ? 55  ILE A N   1 
ATOM   387 C CA  . ILE A 1 55 ? -3.214  4.616   0.222   1.00 13.54 ? 55  ILE A CA  1 
ATOM   388 C C   . ILE A 1 55 ? -4.490  3.891   -0.172  1.00 13.27 ? 55  ILE A C   1 
ATOM   389 O O   . ILE A 1 55 ? -4.974  4.131   -1.295  1.00 13.20 ? 55  ILE A O   1 
ATOM   390 C CB  . ILE A 1 55 ? -2.010  3.720   -0.075  1.00 12.75 ? 55  ILE A CB  1 
ATOM   391 C CG1 . ILE A 1 55 ? -1.985  3.361   -1.596  1.00 21.22 ? 55  ILE A CG1 1 
ATOM   392 C CG2 . ILE A 1 55 ? -2.000  2.464   0.720   1.00 23.61 ? 55  ILE A CG2 1 
ATOM   393 C CD1 . ILE A 1 55 ? -1.941  4.573   -2.480  1.00 24.58 ? 55  ILE A CD1 1 
ATOM   394 N N   . HIS A 1 56 ? -5.061  3.086   0.678   1.00 14.03 ? 56  HIS A N   1 
ATOM   395 C CA  . HIS A 1 56 ? -6.332  2.396   0.349   1.00 14.68 ? 56  HIS A CA  1 
ATOM   396 C C   . HIS A 1 56 ? -7.387  3.449   0.066   1.00 14.91 ? 56  HIS A C   1 
ATOM   397 O O   . HIS A 1 56 ? -8.159  3.286   -0.917  1.00 14.24 ? 56  HIS A O   1 
ATOM   398 C CB  . HIS A 1 56 ? -6.742  1.495   1.497   1.00 17.53 ? 56  HIS A CB  1 
ATOM   399 C CG  . HIS A 1 56 ? -5.944  0.239   1.629   1.00 24.04 ? 56  HIS A CG  1 
ATOM   400 N ND1 . HIS A 1 56 ? -6.126  -0.659  2.674   1.00 26.99 ? 56  HIS A ND1 1 
ATOM   401 C CD2 . HIS A 1 56 ? -4.951  -0.278  0.867   1.00 24.81 ? 56  HIS A CD2 1 
ATOM   402 C CE1 . HIS A 1 56 ? -5.284  -1.665  2.524   1.00 24.04 ? 56  HIS A CE1 1 
ATOM   403 N NE2 . HIS A 1 56 ? -4.566  -1.459  1.432   1.00 27.53 ? 56  HIS A NE2 1 
ATOM   404 N N   . SER A 1 57 ? -7.451  4.486   0.877   1.00 14.00 ? 57  SER A N   1 
ATOM   405 C CA  . SER A 1 57 ? -8.474  5.528   0.650   1.00 15.52 ? 57  SER A CA  1 
ATOM   406 C C   . SER A 1 57 ? -8.252  6.204   -0.678  1.00 15.51 ? 57  SER A C   1 
ATOM   407 O O   . SER A 1 57 ? -9.227  6.427   -1.427  1.00 16.66 ? 57  SER A O   1 
ATOM   408 C CB  . SER A 1 57 ? -8.530  6.497   1.807   1.00 14.55 ? 57  SER A CB  1 
ATOM   409 O OG  . SER A 1 57 ? -7.506  7.457   1.763   1.00 15.81 ? 57  SER A OG  1 
ATOM   410 N N   . LEU A 1 58 ? -7.015  6.505   -1.054  1.00 12.97 ? 58  LEU A N   1 
ATOM   411 C CA  . LEU A 1 58 ? -6.722  7.171   -2.316  1.00 13.97 ? 58  LEU A CA  1 
ATOM   412 C C   . LEU A 1 58 ? -6.984  6.256   -3.488  1.00 13.54 ? 58  LEU A C   1 
ATOM   413 O O   . LEU A 1 58 ? -7.498  6.729   -4.523  1.00 14.72 ? 58  LEU A O   1 
ATOM   414 C CB  . LEU A 1 58 ? -5.248  7.610   -2.325  1.00 15.55 ? 58  LEU A CB  1 
ATOM   415 C CG  . LEU A 1 58 ? -4.969  8.827   -1.423  1.00 15.66 ? 58  LEU A CG  1 
ATOM   416 C CD1 . LEU A 1 58 ? -3.485  8.910   -1.111  1.00 16.29 ? 58  LEU A CD1 1 
ATOM   417 C CD2 . LEU A 1 58 ? -5.418  10.100  -2.130  1.00 17.29 ? 58  LEU A CD2 1 
ATOM   418 N N   . ILE A 1 59 ? -6.718  4.973   -3.363  1.00 13.32 ? 59  ILE A N   1 
ATOM   419 C CA  . ILE A 1 59 ? -7.014  4.035   -4.470  1.00 13.79 ? 59  ILE A CA  1 
ATOM   420 C C   . ILE A 1 59 ? -8.518  3.928   -4.641  1.00 14.51 ? 59  ILE A C   1 
ATOM   421 O O   . ILE A 1 59 ? -8.989  3.993   -5.788  1.00 15.91 ? 59  ILE A O   1 
ATOM   422 C CB  . ILE A 1 59 ? -6.391  2.658   -4.197  1.00 13.61 ? 59  ILE A CB  1 
ATOM   423 C CG1 . ILE A 1 59 ? -4.867  2.783   -4.399  1.00 16.87 ? 59  ILE A CG1 1 
ATOM   424 C CG2 . ILE A 1 59 ? -6.967  1.614   -5.143  1.00 18.58 ? 59  ILE A CG2 1 
ATOM   425 C CD1 . ILE A 1 59 ? -4.104  1.544   -3.951  1.00 19.13 ? 59  ILE A CD1 1 
ATOM   426 N N   . GLU A 1 60 ? -9.247  3.754   -3.551  1.00 15.01 ? 60  GLU A N   1 
ATOM   427 C CA  . GLU A 1 60 ? -10.729 3.663   -3.670  1.00 16.22 ? 60  GLU A CA  1 
ATOM   428 C C   . GLU A 1 60 ? -11.309 4.938   -4.209  1.00 18.34 ? 60  GLU A C   1 
ATOM   429 O O   . GLU A 1 60 ? -12.203 4.866   -5.117  1.00 18.14 ? 60  GLU A O   1 
ATOM   430 C CB  . GLU A 1 60 ? -11.312 3.336   -2.284  1.00 17.79 ? 60  GLU A CB  1 
ATOM   431 C CG  . GLU A 1 60 ? -10.996 1.963   -1.989  1.00 25.90 ? 60  GLU A CG  1 
ATOM   432 N N   . GLU A 1 61 ? -10.827 6.091   -3.827  1.00 15.82 ? 61  GLU A N   1 
ATOM   433 C CA  . GLU A 1 61 ? -11.233 7.361   -4.421  1.00 19.16 ? 61  GLU A CA  1 
ATOM   434 C C   . GLU A 1 61 ? -10.962 7.376   -5.909  1.00 20.05 ? 61  GLU A C   1 
ATOM   435 O O   . GLU A 1 61 ? -11.848 7.697   -6.721  1.00 21.67 ? 61  GLU A O   1 
ATOM   436 C CB  . GLU A 1 61 ? -10.535 8.512   -3.715  1.00 21.18 ? 61  GLU A CB  1 
ATOM   437 C CG  . GLU A 1 61 ? -10.836 9.884   -4.302  1.00 25.24 ? 61  GLU A CG  1 
ATOM   438 C CD  . GLU A 1 61 ? -10.158 10.991  -3.534  1.00 28.04 ? 61  GLU A CD  1 
ATOM   439 O OE1 . GLU A 1 61 ? -9.271  10.667  -2.702  1.00 25.15 ? 61  GLU A OE1 1 
ATOM   440 O OE2 . GLU A 1 61 ? -10.404 12.184  -3.823  1.00 30.02 ? 61  GLU A OE2 1 
ATOM   441 N N   . SER A 1 62 ? -9.768  6.963   -6.327  1.00 19.28 ? 62  SER A N   1 
ATOM   442 C CA  . SER A 1 62 ? -9.423  6.960   -7.743  1.00 17.76 ? 62  SER A CA  1 
ATOM   443 C C   . SER A 1 62 ? -10.285 5.984   -8.514  1.00 19.59 ? 62  SER A C   1 
ATOM   444 O O   . SER A 1 62 ? -10.619 6.255   -9.688  1.00 20.25 ? 62  SER A O   1 
ATOM   445 C CB  . SER A 1 62 ? -7.931  6.638   -7.927  1.00 16.47 ? 62  SER A CB  1 
ATOM   446 O OG  . SER A 1 62 ? -7.150  7.584   -7.218  1.00 20.84 ? 62  SER A OG  1 
ATOM   447 N N   . GLN A 1 63 ? -10.525 4.799   -7.976  1.00 21.06 ? 63  GLN A N   1 
ATOM   448 C CA  . GLN A 1 63 ? -11.387 3.820   -8.647  1.00 22.89 ? 63  GLN A CA  1 
ATOM   449 C C   . GLN A 1 63 ? -12.782 4.399   -8.884  1.00 24.66 ? 63  GLN A C   1 
ATOM   450 O O   . GLN A 1 63 ? -13.339 4.236   -9.978  1.00 25.04 ? 63  GLN A O   1 
ATOM   451 C CB  . GLN A 1 63 ? -11.508 2.552   -7.812  1.00 21.92 ? 63  GLN A CB  1 
ATOM   452 C CG  . GLN A 1 63 ? -10.281 1.675   -7.809  1.00 24.27 ? 63  GLN A CG  1 
ATOM   453 C CD  . GLN A 1 63 ? -10.327 0.610   -6.734  1.00 25.10 ? 63  GLN A CD  1 
ATOM   454 O OE1 . GLN A 1 63 ? -11.127 0.684   -5.800  1.00 28.65 ? 63  GLN A OE1 1 
ATOM   455 N NE2 . GLN A 1 63 ? -9.457  -0.378  -6.848  1.00 30.40 ? 63  GLN A NE2 1 
ATOM   456 N N   . ASN A 1 64 ? -13.330 5.051   -7.885  1.00 25.31 ? 64  ASN A N   1 
ATOM   457 C CA  . ASN A 1 64 ? -14.648 5.673   -7.985  1.00 28.47 ? 64  ASN A CA  1 
ATOM   458 C C   . ASN A 1 64 ? -14.640 6.830   -8.957  1.00 29.73 ? 64  ASN A C   1 
ATOM   459 O O   . ASN A 1 64 ? -15.664 7.062   -9.655  1.00 31.10 ? 64  ASN A O   1 
ATOM   460 C CB  . ASN A 1 64 ? -15.060 6.150   -6.578  1.00 26.67 ? 64  ASN A CB  1 
ATOM   461 C CG  . ASN A 1 64 ? -16.412 6.859   -6.612  1.00 30.05 ? 64  ASN A CG  1 
ATOM   462 O OD1 . ASN A 1 64 ? -16.454 8.079   -6.654  1.00 34.51 ? 64  ASN A OD1 1 
ATOM   463 N ND2 . ASN A 1 64 ? -17.466 6.066   -6.678  1.00 31.38 ? 64  ASN A ND2 1 
HETATM 464 O O   . HOH B 2 .  ? 9.132   1.640   15.995  1.00 17.36 ? 69  HOH A O   1 
HETATM 465 O O   . HOH B 2 .  ? -3.562  -3.873  -11.130 1.00 23.95 ? 70  HOH A O   1 
HETATM 466 O O   . HOH B 2 .  ? 0.840   -6.546  4.588   1.00 23.65 ? 71  HOH A O   1 
HETATM 467 O O   . HOH B 2 .  ? -4.140  -2.630  -4.406  1.00 30.25 ? 72  HOH A O   1 
HETATM 468 O O   . HOH B 2 .  ? -1.844  -2.125  7.815   1.00 32.38 ? 73  HOH A O   1 
HETATM 469 O O   . HOH B 2 .  ? -3.708  -5.388  -8.776  1.00 25.47 ? 74  HOH A O   1 
HETATM 470 O O   . HOH B 2 .  ? 6.941   -7.635  14.019  1.00 42.44 ? 75  HOH A O   1 
HETATM 471 O O   . HOH B 2 .  ? -2.259  -2.823  0.987   1.00 25.71 ? 76  HOH A O   1 
HETATM 472 O O   . HOH B 2 .  ? -4.001  -0.354  7.564   1.00 31.44 ? 77  HOH A O   1 
HETATM 473 O O   . HOH B 2 .  ? 13.515  -7.351  14.897  1.00 42.00 ? 78  HOH A O   1 
HETATM 474 O O   . HOH B 2 .  ? -12.359 1.655   -0.051  1.00 35.08 ? 79  HOH A O   1 
HETATM 475 O O   . HOH B 2 .  ? -4.623  -0.705  -17.740 1.00 35.68 ? 80  HOH A O   1 
HETATM 476 O O   . HOH B 2 .  ? -1.034  -8.755  -1.846  1.00 37.00 ? 81  HOH A O   1 
HETATM 477 O O   . HOH B 2 .  ? -6.242  -4.372  -6.773  1.00 39.36 ? 82  HOH A O   1 
HETATM 478 O O   . HOH B 2 .  ? 7.653   -1.114  20.241  1.00 29.32 ? 83  HOH A O   1 
HETATM 479 O O   . HOH B 2 .  ? -8.495  3.301   4.103   1.00 28.08 ? 84  HOH A O   1 
HETATM 480 O O   . HOH B 2 .  ? -6.710  -2.257  -5.235  1.00 43.99 ? 85  HOH A O   1 
HETATM 481 O O   . HOH B 2 .  ? 2.365   -16.128 9.042   1.00 39.58 ? 86  HOH A O   1 
HETATM 482 O O   . HOH B 2 .  ? 6.071   -5.241  13.253  1.00 34.99 ? 87  HOH A O   1 
HETATM 483 O O   . HOH B 2 .  ? 1.294   -7.077  7.059   1.00 31.25 ? 88  HOH A O   1 
HETATM 484 O O   . HOH B 2 .  ? 3.923   4.738   18.453  1.00 33.57 ? 89  HOH A O   1 
HETATM 485 O O   . HOH B 2 .  ? -1.738  1.598   14.357  1.00 31.55 ? 90  HOH A O   1 
HETATM 486 O O   . HOH B 2 .  ? -5.585  -4.584  -12.663 1.00 31.52 ? 91  HOH A O   1 
HETATM 487 O O   . HOH B 2 .  ? -2.054  6.993   14.752  1.00 36.18 ? 92  HOH A O   1 
HETATM 488 O O   . HOH B 2 .  ? 0.906   12.248  3.993   1.00 38.04 ? 93  HOH A O   1 
HETATM 489 O O   . HOH B 2 .  ? -9.469  -0.487  0.908   1.00 42.10 ? 94  HOH A O   1 
HETATM 490 O O   . HOH B 2 .  ? -7.762  0.181   4.905   1.00 40.62 ? 95  HOH A O   1 
HETATM 491 O O   . HOH B 2 .  ? 13.283  -0.762  15.657  1.00 37.90 ? 96  HOH A O   1 
HETATM 492 O O   . HOH B 2 .  ? 2.977   10.453  9.541   1.00 44.84 ? 97  HOH A O   1 
HETATM 493 O O   . HOH B 2 .  ? -12.607 9.946   -9.584  1.00 47.32 ? 98  HOH A O   1 
HETATM 494 O O   . HOH B 2 .  ? -3.321  -4.139  -1.411  1.00 37.72 ? 99  HOH A O   1 
HETATM 495 O O   . HOH B 2 .  ? -1.562  10.333  6.868   1.00 36.83 ? 100 HOH A O   1 
HETATM 496 O O   . HOH B 2 .  ? 0.221   9.124   8.105   1.00 48.48 ? 101 HOH A O   1 
HETATM 497 O O   . HOH B 2 .  ? 6.651   7.724   8.760   1.00 45.86 ? 102 HOH A O   1 
HETATM 498 O O   . HOH B 2 .  ? -4.920  -1.876  -1.855  1.00 41.52 ? 103 HOH A O   1 
HETATM 499 O O   . HOH B 2 .  ? -8.049  1.424   6.986   1.00 48.80 ? 104 HOH A O   1 
HETATM 500 O O   . HOH B 2 .  ? 7.412   -4.387  18.079  1.00 38.76 ? 105 HOH A O   1 
HETATM 501 O O   . HOH B 2 .  ? 3.527   1.213   21.154  1.00 35.13 ? 106 HOH A O   1 
HETATM 502 O O   . HOH B 2 .  ? 12.091  -15.294 12.117  1.00 53.01 ? 107 HOH A O   1 
HETATM 503 O O   . HOH B 2 .  ? -13.610 -0.131  1.067   1.00 58.88 ? 108 HOH A O   1 
HETATM 504 O O   . HOH B 2 .  ? 11.991  -8.119  16.738  1.00 51.22 ? 109 HOH A O   1 
HETATM 505 O O   . HOH B 2 .  ? 5.865   -9.915  13.316  1.00 49.43 ? 110 HOH A O   1 
HETATM 506 O O   . HOH B 2 .  ? 0.224   -4.119  13.075  1.00 56.68 ? 111 HOH A O   1 
HETATM 507 O O   . HOH B 2 .  ? -9.242  1.419   -19.431 1.00 60.40 ? 112 HOH A O   1 
HETATM 508 O O   . HOH B 2 .  ? -20.038 7.421   -7.455  1.00 43.17 ? 113 HOH A O   1 
HETATM 509 O O   . HOH B 2 .  ? -5.734  -9.098  -2.202  1.00 53.55 ? 114 HOH A O   1 
HETATM 510 O O   . HOH B 2 .  ? -1.892  -7.354  1.640   1.00 47.38 ? 115 HOH A O   1 
HETATM 511 O O   . HOH B 2 .  ? -8.780  -0.080  -11.680 1.00 42.41 ? 116 HOH A O   1 
HETATM 512 O O   . HOH B 2 .  ? 2.981   12.573  5.470   1.00 42.43 ? 117 HOH A O   1 
HETATM 513 O O   . HOH B 2 .  ? -9.203  11.002  -22.972 1.00 59.45 ? 118 HOH A O   1 
HETATM 514 O O   . HOH B 2 .  ? -4.285  3.348   10.904  1.00 59.16 ? 119 HOH A O   1 
HETATM 515 O O   . HOH B 2 .  ? -5.765  -1.001  5.593   1.00 50.93 ? 120 HOH A O   1 
HETATM 516 O O   . HOH B 2 .  ? 1.592   0.528   16.917  1.00 34.49 ? 121 HOH A O   1 
HETATM 517 O O   . HOH B 2 .  ? -10.010 8.674   -15.819 1.00 59.73 ? 122 HOH A O   1 
HETATM 518 O O   . HOH B 2 .  ? -14.510 3.441   -5.086  1.00 51.34 ? 123 HOH A O   1 
HETATM 519 O O   . HOH B 2 .  ? 0.092   -1.346  15.715  1.00 41.04 ? 124 HOH A O   1 
HETATM 520 O O   . HOH B 2 .  ? -15.394 2.280   -7.898  1.00 43.85 ? 125 HOH A O   1 
HETATM 521 O O   . HOH B 2 .  ? -16.660 4.352   -3.254  1.00 55.99 ? 126 HOH A O   1 
HETATM 522 O O   . HOH B 2 .  ? 1.425   -2.417  10.573  1.00 43.85 ? 127 HOH A O   1 
HETATM 523 O O   . HOH B 2 .  ? 0.320   -11.354 3.192   1.00 74.98 ? 128 HOH A O   1 
HETATM 524 O O   . HOH B 2 .  ? -12.274 7.808   0.356   1.00 34.43 ? 129 HOH A O   1 
HETATM 525 O O   . HOH B 2 .  ? 0.543   3.436   0.552   1.00 32.03 ? 130 HOH A O   1 
HETATM 526 O O   . HOH B 2 .  ? -12.909 7.508   -11.641 1.00 40.72 ? 131 HOH A O   1 
HETATM 527 O O   . HOH B 2 .  ? 8.029   -15.733 11.206  1.00 42.63 ? 132 HOH A O   1 
HETATM 528 O O   . HOH B 2 .  ? -5.014  7.580   -22.633 1.00 38.37 ? 133 HOH A O   1 
HETATM 529 O O   . HOH B 2 .  ? -13.659 9.966   -6.252  1.00 42.26 ? 134 HOH A O   1 
HETATM 530 O O   . HOH B 2 .  ? -8.368  5.965   -13.628 1.00 43.41 ? 135 HOH A O   1 
HETATM 531 O O   . HOH B 2 .  ? -5.419  -6.350  -1.196  1.00 56.97 ? 136 HOH A O   1 
HETATM 532 O O   . HOH B 2 .  ? -5.637  7.773   -25.301 1.00 47.87 ? 137 HOH A O   1 
HETATM 533 O O   . HOH B 2 .  ? -7.549  -0.110  -1.856  1.00 48.27 ? 138 HOH A O   1 
HETATM 534 O O   . HOH B 2 .  ? -12.366 5.490   -16.592 1.00 59.24 ? 139 HOH A O   1 
HETATM 535 O O   . HOH B 2 .  ? -13.443 5.811   -13.510 1.00 53.05 ? 140 HOH A O   1 
HETATM 536 O O   . HOH B 2 .  ? -7.270  1.027   9.611   1.00 46.59 ? 141 HOH A O   1 
HETATM 537 O O   . HOH B 2 .  ? 13.301  -8.325  19.176  1.00 66.52 ? 142 HOH A O   1 
HETATM 538 O O   . HOH B 2 .  ? -8.867  -1.140  -3.973  1.00 64.85 ? 143 HOH A O   1 
HETATM 539 O O   . HOH B 2 .  ? -4.356  -4.148  3.899   1.00 49.55 ? 144 HOH A O   1 
HETATM 540 O O   . HOH B 2 .  ? 0.525   -1.710  2.702   1.00 34.94 ? 145 HOH A O   1 
# 
